data_7YXD
#
_entry.id   7YXD
#
_cell.length_a   107.599
_cell.length_b   107.599
_cell.length_c   135.641
_cell.angle_alpha   90.000
_cell.angle_beta   90.000
_cell.angle_gamma   120.000
#
_symmetry.space_group_name_H-M   'P 31'
#
loop_
_entity.id
_entity.type
_entity.pdbx_description
1 polymer 'Ancestral Glucocorticoid Receptor2'
2 polymer 'SHP NR Box 1 Peptide'
3 non-polymer DEXAMETHASONE
4 non-polymer 'SODIUM ION'
5 water water
#
loop_
_entity_poly.entity_id
_entity_poly.type
_entity_poly.pdbx_seq_one_letter_code
_entity_poly.pdbx_strand_id
1 'polypeptide(L)'
;FPTLISLLEVIEPEVLYSGYDSTLPDTSTRLMSTLNRLGGRQVVSAVKWAKALPGFRNLHLDDQMTLLQYSWMSLMAFSL
GWRSYKQSNGNMLCFAPDLVINEERMQLPYMYDQCQQMLKISSEFVRLQVSYDEYLCMKVLLLLSTVPKDGLKSQAVFDE
IRMTYIKELGKAIVKREGNSSQNWQRFYQLTKLLDSMHEMVGGLLQFCFYTFVNKSLSVEFPEMLAEIISNQLPKFKAGS
VKPLLFHQ
;
A,D,H,L
2 'polypeptide(L)' RPAILYALLSSS C,F,J,N
#
loop_
_chem_comp.id
_chem_comp.type
_chem_comp.name
_chem_comp.formula
DEX non-polymer DEXAMETHASONE 'C22 H29 F O5'
NA non-polymer 'SODIUM ION' 'Na 1'
#
# COMPACT_ATOMS: atom_id res chain seq x y z
N PHE A 1 -42.82 65.64 27.26
CA PHE A 1 -44.19 66.07 26.74
C PHE A 1 -44.14 66.41 25.24
N PRO A 2 -43.00 66.80 24.63
CA PRO A 2 -42.91 66.75 23.16
C PRO A 2 -42.88 65.27 22.83
N THR A 3 -43.61 64.85 21.79
CA THR A 3 -43.69 63.44 21.44
C THR A 3 -42.29 62.91 21.15
N LEU A 4 -42.12 61.59 21.30
CA LEU A 4 -40.91 60.91 20.92
C LEU A 4 -40.62 61.10 19.43
N ILE A 5 -41.66 61.20 18.59
CA ILE A 5 -41.45 61.33 17.16
C ILE A 5 -40.78 62.68 16.86
N SER A 6 -41.08 63.69 17.68
CA SER A 6 -40.58 65.02 17.42
C SER A 6 -39.15 65.12 17.94
N LEU A 7 -38.83 64.34 18.97
CA LEU A 7 -37.44 64.23 19.41
C LEU A 7 -36.59 63.52 18.35
N LEU A 8 -37.08 62.39 17.83
CA LEU A 8 -36.34 61.71 16.79
C LEU A 8 -36.05 62.68 15.65
N GLU A 9 -37.03 63.53 15.33
CA GLU A 9 -36.90 64.52 14.29
C GLU A 9 -35.70 65.43 14.55
N VAL A 10 -35.43 65.77 15.82
CA VAL A 10 -34.47 66.84 16.07
C VAL A 10 -33.09 66.26 16.38
N ILE A 11 -33.01 64.96 16.63
CA ILE A 11 -31.69 64.35 16.77
C ILE A 11 -31.22 63.78 15.42
N GLU A 12 -32.11 63.76 14.42
CA GLU A 12 -31.77 63.20 13.10
C GLU A 12 -30.59 64.03 12.59
N PRO A 13 -29.43 63.39 12.28
CA PRO A 13 -28.26 64.13 11.78
C PRO A 13 -28.51 64.82 10.45
N GLU A 14 -27.89 65.99 10.32
CA GLU A 14 -27.91 66.69 9.03
C GLU A 14 -26.89 65.98 8.16
N VAL A 15 -27.30 65.71 6.91
CA VAL A 15 -26.49 64.94 6.01
C VAL A 15 -25.10 65.55 5.88
N LEU A 16 -24.10 64.65 5.88
CA LEU A 16 -22.70 65.00 5.76
C LEU A 16 -22.40 65.28 4.29
N TYR A 17 -21.23 65.88 4.11
CA TYR A 17 -20.74 66.34 2.82
C TYR A 17 -19.51 65.50 2.53
N SER A 18 -19.38 65.01 1.29
CA SER A 18 -18.28 64.10 0.97
C SER A 18 -17.01 64.83 0.54
N GLY A 19 -17.20 65.87 -0.27
CA GLY A 19 -16.04 66.59 -0.77
C GLY A 19 -15.40 65.87 -1.95
N TYR A 20 -16.19 65.05 -2.64
CA TYR A 20 -15.71 64.30 -3.80
C TYR A 20 -15.50 65.25 -4.96
N ASP A 21 -14.28 65.20 -5.51
CA ASP A 21 -13.86 66.08 -6.58
C ASP A 21 -13.96 65.36 -7.92
N SER A 22 -15.08 65.48 -8.62
CA SER A 22 -15.33 64.71 -9.84
C SER A 22 -14.67 65.40 -11.03
N THR A 23 -13.71 66.27 -10.67
CA THR A 23 -12.80 66.92 -11.57
C THR A 23 -11.75 65.93 -12.02
N LEU A 24 -11.33 65.04 -11.10
CA LEU A 24 -10.41 63.95 -11.40
C LEU A 24 -11.17 62.74 -11.99
N PRO A 25 -10.51 61.77 -12.67
CA PRO A 25 -11.19 60.66 -13.33
C PRO A 25 -11.88 59.75 -12.32
N ASP A 26 -13.07 59.24 -12.67
CA ASP A 26 -13.75 58.28 -11.79
C ASP A 26 -13.07 56.92 -11.90
N THR A 27 -12.70 56.35 -10.74
CA THR A 27 -12.30 54.95 -10.77
C THR A 27 -12.99 54.25 -9.62
N SER A 28 -13.05 52.92 -9.70
CA SER A 28 -13.84 52.21 -8.71
C SER A 28 -13.08 52.17 -7.37
N THR A 29 -11.74 52.04 -7.40
CA THR A 29 -10.98 52.12 -6.16
C THR A 29 -11.18 53.45 -5.40
N ARG A 30 -10.99 54.58 -6.07
CA ARG A 30 -11.23 55.91 -5.56
C ARG A 30 -12.66 56.09 -5.03
N LEU A 31 -13.66 55.78 -5.86
CA LEU A 31 -15.03 55.91 -5.42
C LEU A 31 -15.35 55.07 -4.16
N MET A 32 -14.79 53.87 -4.04
CA MET A 32 -15.06 53.05 -2.86
C MET A 32 -14.40 53.61 -1.61
N SER A 33 -13.15 54.02 -1.77
CA SER A 33 -12.42 54.75 -0.73
C SER A 33 -13.14 56.01 -0.26
N THR A 34 -13.73 56.76 -1.19
CA THR A 34 -14.56 57.93 -0.83
C THR A 34 -15.82 57.50 -0.08
N LEU A 35 -16.43 56.37 -0.44
CA LEU A 35 -17.68 55.98 0.19
C LEU A 35 -17.40 55.64 1.63
N ASN A 36 -16.29 54.95 1.84
CA ASN A 36 -15.92 54.49 3.15
C ASN A 36 -15.54 55.67 4.06
N ARG A 37 -14.83 56.67 3.50
CA ARG A 37 -14.51 57.86 4.24
C ARG A 37 -15.79 58.62 4.53
N LEU A 38 -16.68 58.73 3.56
CA LEU A 38 -17.88 59.44 3.93
C LEU A 38 -18.62 58.61 4.99
N GLY A 39 -18.45 57.28 4.92
CA GLY A 39 -19.15 56.37 5.80
C GLY A 39 -18.69 56.46 7.24
N GLY A 40 -17.35 56.60 7.44
CA GLY A 40 -16.75 56.62 8.76
C GLY A 40 -17.28 57.84 9.55
N ARG A 41 -17.54 58.92 8.81
CA ARG A 41 -18.01 60.20 9.31
C ARG A 41 -19.49 60.08 9.68
N GLN A 42 -20.28 59.53 8.75
CA GLN A 42 -21.69 59.26 8.96
C GLN A 42 -21.85 58.43 10.23
N VAL A 43 -20.97 57.46 10.40
CA VAL A 43 -21.05 56.63 11.59
C VAL A 43 -20.78 57.43 12.87
N VAL A 44 -19.83 58.38 12.86
CA VAL A 44 -19.55 59.17 14.07
C VAL A 44 -20.83 59.96 14.36
N SER A 45 -21.43 60.52 13.32
CA SER A 45 -22.71 61.22 13.42
C SER A 45 -23.80 60.32 14.01
N ALA A 46 -23.71 59.02 13.75
CA ALA A 46 -24.74 58.08 14.19
C ALA A 46 -24.45 57.66 15.61
N VAL A 47 -23.23 57.88 16.09
CA VAL A 47 -22.99 57.54 17.48
C VAL A 47 -23.60 58.64 18.35
N LYS A 48 -23.54 59.87 17.83
CA LYS A 48 -24.04 61.03 18.53
C LYS A 48 -25.56 60.87 18.59
N TRP A 49 -26.15 60.46 17.47
CA TRP A 49 -27.58 60.24 17.38
C TRP A 49 -28.03 59.14 18.32
N ALA A 50 -27.26 58.07 18.43
CA ALA A 50 -27.69 57.01 19.32
C ALA A 50 -27.62 57.51 20.77
N LYS A 51 -26.62 58.33 21.07
CA LYS A 51 -26.38 58.76 22.43
C LYS A 51 -27.51 59.67 22.89
N ALA A 52 -27.99 60.52 21.99
CA ALA A 52 -29.13 61.39 22.19
C ALA A 52 -30.45 60.63 22.14
N LEU A 53 -30.40 59.29 22.06
CA LEU A 53 -31.64 58.56 21.80
C LEU A 53 -32.31 58.22 23.12
N PRO A 54 -33.55 58.71 23.40
CA PRO A 54 -34.19 58.41 24.68
C PRO A 54 -34.04 56.90 24.91
N GLY A 55 -33.36 56.54 25.99
CA GLY A 55 -33.31 55.17 26.43
C GLY A 55 -31.97 54.49 26.10
N PHE A 56 -31.33 54.97 25.05
CA PHE A 56 -30.21 54.19 24.56
C PHE A 56 -29.12 54.15 25.61
N ARG A 57 -28.92 55.30 26.29
CA ARG A 57 -27.90 55.48 27.32
C ARG A 57 -28.10 54.57 28.53
N ASN A 58 -29.29 53.94 28.67
CA ASN A 58 -29.59 53.13 29.85
C ASN A 58 -29.09 51.70 29.69
N LEU A 59 -28.61 51.36 28.50
CA LEU A 59 -27.95 50.08 28.31
C LEU A 59 -26.54 50.13 28.89
N HIS A 60 -26.00 48.95 29.21
CA HIS A 60 -24.58 48.81 29.50
C HIS A 60 -23.78 49.14 28.25
N LEU A 61 -22.55 49.57 28.46
CA LEU A 61 -21.66 49.97 27.40
C LEU A 61 -21.41 48.79 26.47
N ASP A 62 -21.29 47.59 27.02
CA ASP A 62 -20.99 46.46 26.15
C ASP A 62 -22.13 46.29 25.15
N ASP A 63 -23.36 46.57 25.62
CA ASP A 63 -24.55 46.52 24.80
C ASP A 63 -24.56 47.68 23.80
N GLN A 64 -24.28 48.89 24.27
CA GLN A 64 -24.36 50.02 23.35
C GLN A 64 -23.36 49.82 22.21
N MET A 65 -22.21 49.24 22.58
CA MET A 65 -21.17 48.97 21.61
C MET A 65 -21.63 47.89 20.64
N THR A 66 -22.20 46.82 21.19
CA THR A 66 -22.54 45.68 20.38
C THR A 66 -23.49 46.08 19.28
N LEU A 67 -24.40 47.00 19.63
CA LEU A 67 -25.57 47.27 18.81
C LEU A 67 -25.15 48.17 17.66
N LEU A 68 -24.23 49.11 17.93
CA LEU A 68 -23.80 50.00 16.86
C LEU A 68 -22.89 49.22 15.91
N GLN A 69 -22.03 48.33 16.45
CA GLN A 69 -21.15 47.50 15.67
C GLN A 69 -21.95 46.61 14.71
N TYR A 70 -23.02 46.01 15.23
CA TYR A 70 -23.79 45.03 14.46
C TYR A 70 -24.82 45.71 13.55
N SER A 71 -25.05 47.03 13.66
CA SER A 71 -26.09 47.60 12.81
C SER A 71 -25.65 48.82 11.99
N TRP A 72 -24.36 49.10 11.89
CA TRP A 72 -23.94 50.39 11.32
C TRP A 72 -24.29 50.42 9.84
N MET A 73 -24.07 49.26 9.23
CA MET A 73 -24.30 49.08 7.80
C MET A 73 -25.78 49.23 7.48
N SER A 74 -26.60 48.66 8.36
CA SER A 74 -28.06 48.73 8.27
C SER A 74 -28.49 50.16 8.45
N LEU A 75 -27.95 50.86 9.47
CA LEU A 75 -28.28 52.27 9.59
C LEU A 75 -27.91 53.10 8.36
N MET A 76 -26.68 52.93 7.88
CA MET A 76 -26.27 53.82 6.80
C MET A 76 -27.00 53.48 5.51
N ALA A 77 -27.22 52.17 5.25
CA ALA A 77 -27.91 51.81 4.00
C ALA A 77 -29.36 52.27 4.06
N PHE A 78 -29.97 52.24 5.24
CA PHE A 78 -31.35 52.67 5.36
C PHE A 78 -31.49 54.15 5.04
N SER A 79 -30.63 54.98 5.63
CA SER A 79 -30.58 56.43 5.36
C SER A 79 -30.27 56.76 3.91
N LEU A 80 -29.30 56.06 3.35
CA LEU A 80 -29.00 56.23 1.93
C LEU A 80 -30.22 55.90 1.08
N GLY A 81 -30.95 54.82 1.42
CA GLY A 81 -32.19 54.44 0.74
C GLY A 81 -33.26 55.53 0.81
N TRP A 82 -33.35 56.17 1.98
CA TRP A 82 -34.23 57.30 2.13
C TRP A 82 -33.79 58.48 1.24
N ARG A 83 -32.54 58.94 1.41
CA ARG A 83 -32.00 60.07 0.67
C ARG A 83 -32.24 59.88 -0.81
N SER A 84 -32.05 58.66 -1.32
CA SER A 84 -32.26 58.40 -2.73
C SER A 84 -33.74 58.45 -3.09
N TYR A 85 -34.59 58.15 -2.11
CA TYR A 85 -36.02 58.13 -2.33
C TYR A 85 -36.52 59.57 -2.40
N LYS A 86 -36.17 60.36 -1.38
CA LYS A 86 -36.57 61.76 -1.39
C LYS A 86 -35.98 62.49 -2.60
N GLN A 87 -34.64 62.49 -2.73
CA GLN A 87 -33.95 63.45 -3.57
C GLN A 87 -34.02 63.12 -5.04
N SER A 88 -34.33 61.85 -5.39
CA SER A 88 -34.34 61.41 -6.77
C SER A 88 -35.43 60.38 -7.03
N ASN A 89 -36.38 60.22 -6.10
CA ASN A 89 -37.42 59.21 -6.21
C ASN A 89 -36.89 57.80 -6.53
N GLY A 90 -35.72 57.46 -5.98
CA GLY A 90 -35.25 56.09 -5.98
C GLY A 90 -34.56 55.67 -7.27
N ASN A 91 -34.19 56.65 -8.10
CA ASN A 91 -33.66 56.39 -9.43
C ASN A 91 -32.15 56.22 -9.39
N MET A 92 -31.53 57.03 -8.51
CA MET A 92 -30.09 57.13 -8.38
C MET A 92 -29.74 57.15 -6.89
N LEU A 93 -28.58 56.59 -6.55
CA LEU A 93 -28.10 56.61 -5.19
C LEU A 93 -27.63 58.02 -4.86
N CYS A 94 -28.27 58.66 -3.86
CA CYS A 94 -27.78 59.92 -3.37
C CYS A 94 -26.97 59.78 -2.11
N PHE A 95 -25.65 59.65 -2.28
CA PHE A 95 -24.79 59.34 -1.16
C PHE A 95 -24.58 60.61 -0.35
N ALA A 96 -24.40 61.71 -1.10
CA ALA A 96 -24.37 63.03 -0.52
C ALA A 96 -24.87 63.95 -1.62
N PRO A 97 -25.10 65.25 -1.35
CA PRO A 97 -25.54 66.16 -2.42
C PRO A 97 -24.44 66.41 -3.46
N ASP A 98 -23.18 66.32 -2.99
CA ASP A 98 -21.97 66.45 -3.82
C ASP A 98 -21.48 65.08 -4.32
N LEU A 99 -22.27 64.00 -4.22
CA LEU A 99 -21.90 62.68 -4.71
C LEU A 99 -23.15 61.90 -5.07
N VAL A 100 -23.48 61.84 -6.36
CA VAL A 100 -24.60 61.00 -6.77
C VAL A 100 -24.06 59.91 -7.70
N ILE A 101 -24.75 58.79 -7.79
CA ILE A 101 -24.16 57.74 -8.57
C ILE A 101 -25.29 57.33 -9.49
N ASN A 102 -25.18 57.87 -10.70
CA ASN A 102 -25.96 57.49 -11.87
C ASN A 102 -25.26 56.32 -12.57
N GLU A 103 -26.05 55.56 -13.32
CA GLU A 103 -25.65 54.58 -14.30
C GLU A 103 -25.04 55.26 -15.52
N GLU A 104 -24.31 56.36 -15.29
CA GLU A 104 -23.00 56.30 -15.90
C GLU A 104 -22.25 55.45 -14.88
N ARG A 105 -22.08 55.96 -13.64
CA ARG A 105 -21.04 55.49 -12.72
C ARG A 105 -21.51 54.33 -11.87
N MET A 106 -22.60 53.67 -12.29
CA MET A 106 -22.78 52.30 -11.87
C MET A 106 -22.00 51.40 -12.84
N GLN A 107 -21.57 51.94 -13.97
CA GLN A 107 -21.00 51.07 -14.98
C GLN A 107 -19.53 50.79 -14.65
N LEU A 108 -18.98 51.50 -13.67
CA LEU A 108 -17.60 51.21 -13.28
C LEU A 108 -17.48 49.80 -12.68
N PRO A 109 -16.31 49.15 -12.82
CA PRO A 109 -16.08 47.81 -12.27
C PRO A 109 -16.34 47.69 -10.78
N TYR A 110 -17.04 46.61 -10.36
CA TYR A 110 -17.40 46.37 -8.97
C TYR A 110 -18.65 47.13 -8.56
N MET A 111 -19.13 48.03 -9.40
CA MET A 111 -20.06 48.98 -8.81
C MET A 111 -21.49 48.53 -9.04
N TYR A 112 -21.74 47.93 -10.21
CA TYR A 112 -23.12 47.67 -10.60
C TYR A 112 -23.81 46.90 -9.50
N ASP A 113 -23.21 45.76 -9.13
CA ASP A 113 -23.93 44.83 -8.27
C ASP A 113 -24.24 45.52 -6.95
N GLN A 114 -23.21 46.10 -6.34
CA GLN A 114 -23.37 46.66 -5.02
C GLN A 114 -24.35 47.83 -5.11
N CYS A 115 -24.44 48.51 -6.26
CA CYS A 115 -25.35 49.65 -6.34
C CYS A 115 -26.78 49.18 -6.55
N GLN A 116 -26.93 47.98 -7.11
CA GLN A 116 -28.25 47.39 -7.30
C GLN A 116 -28.83 47.05 -5.94
N GLN A 117 -28.04 46.38 -5.09
CA GLN A 117 -28.48 46.01 -3.75
C GLN A 117 -28.91 47.26 -2.97
N MET A 118 -28.12 48.32 -3.07
CA MET A 118 -28.47 49.55 -2.36
C MET A 118 -29.74 50.17 -2.94
N LEU A 119 -29.94 50.11 -4.25
CA LEU A 119 -31.11 50.72 -4.83
C LEU A 119 -32.38 49.96 -4.42
N LYS A 120 -32.23 48.64 -4.20
CA LYS A 120 -33.29 47.74 -3.78
C LYS A 120 -34.00 48.32 -2.55
N ILE A 121 -33.19 48.74 -1.55
CA ILE A 121 -33.67 49.40 -0.34
C ILE A 121 -34.48 50.61 -0.73
N SER A 122 -33.94 51.33 -1.70
CA SER A 122 -34.55 52.57 -2.14
C SER A 122 -35.93 52.31 -2.75
N SER A 123 -36.07 51.18 -3.45
CA SER A 123 -37.27 50.95 -4.23
C SER A 123 -38.38 50.41 -3.35
N GLU A 124 -38.01 49.79 -2.21
CA GLU A 124 -38.95 49.40 -1.16
C GLU A 124 -39.61 50.65 -0.57
N PHE A 125 -38.84 51.72 -0.38
CA PHE A 125 -39.42 52.98 0.06
C PHE A 125 -40.45 53.47 -0.96
N VAL A 126 -40.19 53.15 -2.23
CA VAL A 126 -41.01 53.62 -3.34
C VAL A 126 -42.28 52.78 -3.38
N ARG A 127 -42.11 51.46 -3.24
CA ARG A 127 -43.22 50.54 -3.21
C ARG A 127 -44.20 50.92 -2.11
N LEU A 128 -43.70 51.13 -0.89
CA LEU A 128 -44.60 51.20 0.26
C LEU A 128 -44.98 52.66 0.53
N GLN A 129 -44.31 53.60 -0.13
CA GLN A 129 -44.62 55.02 -0.01
C GLN A 129 -44.43 55.43 1.44
N VAL A 130 -43.32 54.97 2.01
CA VAL A 130 -42.97 55.21 3.40
C VAL A 130 -43.06 56.71 3.72
N SER A 131 -43.45 57.03 4.95
CA SER A 131 -43.46 58.39 5.45
C SER A 131 -42.10 58.69 6.06
N TYR A 132 -41.84 59.97 6.33
CA TYR A 132 -40.63 60.39 7.04
C TYR A 132 -40.65 59.81 8.44
N ASP A 133 -41.87 59.77 9.01
CA ASP A 133 -41.97 59.43 10.41
C ASP A 133 -41.84 57.92 10.55
N GLU A 134 -42.36 57.23 9.55
CA GLU A 134 -42.27 55.79 9.49
C GLU A 134 -40.78 55.40 9.44
N TYR A 135 -40.04 56.15 8.62
CA TYR A 135 -38.63 55.91 8.37
C TYR A 135 -37.83 56.12 9.65
N LEU A 136 -38.14 57.18 10.39
CA LEU A 136 -37.39 57.50 11.58
C LEU A 136 -37.54 56.42 12.64
N CYS A 137 -38.74 55.81 12.76
CA CYS A 137 -38.92 54.92 13.88
C CYS A 137 -38.34 53.59 13.45
N MET A 138 -38.52 53.33 12.15
CA MET A 138 -37.95 52.11 11.59
C MET A 138 -36.41 52.18 11.77
N LYS A 139 -35.82 53.37 11.67
CA LYS A 139 -34.36 53.44 11.65
C LYS A 139 -33.85 53.11 13.06
N VAL A 140 -34.54 53.65 14.05
CA VAL A 140 -34.23 53.27 15.43
C VAL A 140 -34.37 51.75 15.60
N LEU A 141 -35.40 51.15 15.02
CA LEU A 141 -35.59 49.73 15.32
C LEU A 141 -34.47 48.96 14.64
N LEU A 142 -33.91 49.51 13.54
CA LEU A 142 -32.77 48.87 12.89
C LEU A 142 -31.58 48.81 13.85
N LEU A 143 -31.37 49.88 14.61
CA LEU A 143 -30.26 49.89 15.56
C LEU A 143 -30.42 48.74 16.56
N LEU A 144 -31.67 48.34 16.81
CA LEU A 144 -31.96 47.41 17.89
C LEU A 144 -32.22 46.01 17.35
N SER A 145 -31.80 45.72 16.11
CA SER A 145 -32.27 44.54 15.38
C SER A 145 -31.26 43.39 15.25
N THR A 146 -30.00 43.56 15.66
CA THR A 146 -29.02 42.48 15.61
C THR A 146 -28.34 42.35 16.97
N VAL A 147 -28.36 41.14 17.52
CA VAL A 147 -27.77 40.90 18.83
C VAL A 147 -26.91 39.63 18.80
N PRO A 148 -26.04 39.42 19.82
CA PRO A 148 -25.27 38.17 19.92
C PRO A 148 -26.11 37.00 20.40
N LYS A 149 -25.75 35.80 19.94
CA LYS A 149 -26.44 34.57 20.30
C LYS A 149 -26.46 34.35 21.81
N ASP A 150 -25.40 34.78 22.50
CA ASP A 150 -25.33 34.68 23.96
C ASP A 150 -26.16 35.79 24.62
N GLY A 151 -26.84 36.59 23.78
CA GLY A 151 -27.67 37.68 24.26
C GLY A 151 -26.84 38.81 24.88
N LEU A 152 -27.53 39.77 25.47
CA LEU A 152 -26.86 40.97 25.93
C LEU A 152 -26.56 40.77 27.41
N LYS A 153 -25.81 41.72 27.97
CA LYS A 153 -25.72 41.91 29.40
C LYS A 153 -27.09 42.42 29.89
N SER A 154 -27.45 43.64 29.47
CA SER A 154 -28.66 44.28 30.00
C SER A 154 -29.88 44.08 29.11
N GLN A 155 -30.23 42.81 28.87
CA GLN A 155 -31.39 42.37 28.12
C GLN A 155 -32.67 43.04 28.59
N ALA A 156 -32.75 43.39 29.88
CA ALA A 156 -34.02 43.84 30.44
C ALA A 156 -34.34 45.22 29.91
N VAL A 157 -33.39 46.16 30.04
CA VAL A 157 -33.55 47.54 29.60
C VAL A 157 -33.80 47.56 28.09
N PHE A 158 -33.22 46.55 27.40
CA PHE A 158 -33.21 46.40 25.96
C PHE A 158 -34.62 46.09 25.46
N ASP A 159 -35.26 45.10 26.11
CA ASP A 159 -36.59 44.65 25.74
C ASP A 159 -37.62 45.78 25.86
N GLU A 160 -37.40 46.73 26.77
CA GLU A 160 -38.38 47.77 27.05
C GLU A 160 -38.15 48.96 26.11
N ILE A 161 -36.90 49.12 25.68
CA ILE A 161 -36.49 50.13 24.70
C ILE A 161 -37.06 49.73 23.35
N ARG A 162 -36.96 48.44 22.98
CA ARG A 162 -37.55 48.02 21.72
C ARG A 162 -39.07 48.21 21.79
N MET A 163 -39.65 48.08 23.00
CA MET A 163 -41.09 48.11 23.18
C MET A 163 -41.60 49.51 22.88
N THR A 164 -40.90 50.48 23.48
CA THR A 164 -41.14 51.89 23.22
C THR A 164 -41.15 52.23 21.72
N TYR A 165 -40.15 51.77 20.96
CA TYR A 165 -40.03 52.26 19.59
C TYR A 165 -40.97 51.51 18.67
N ILE A 166 -41.34 50.30 19.10
CA ILE A 166 -42.37 49.56 18.39
C ILE A 166 -43.68 50.34 18.47
N LYS A 167 -43.97 50.89 19.65
CA LYS A 167 -45.24 51.61 19.83
C LYS A 167 -45.19 52.86 18.95
N GLU A 168 -43.98 53.41 18.84
CA GLU A 168 -43.73 54.72 18.26
C GLU A 168 -43.92 54.68 16.76
N LEU A 169 -43.53 53.54 16.22
CA LEU A 169 -43.69 53.30 14.79
C LEU A 169 -45.18 53.15 14.56
N GLY A 170 -45.86 52.42 15.48
CA GLY A 170 -47.30 52.26 15.49
C GLY A 170 -48.02 53.58 15.34
N LYS A 171 -47.71 54.53 16.24
CA LYS A 171 -48.14 55.90 16.16
C LYS A 171 -47.89 56.52 14.79
N ALA A 172 -46.71 56.25 14.22
CA ALA A 172 -46.26 56.99 13.06
C ALA A 172 -47.12 56.54 11.88
N ILE A 173 -47.44 55.26 11.89
CA ILE A 173 -48.32 54.68 10.91
C ILE A 173 -49.65 55.45 10.85
N VAL A 174 -50.13 56.04 11.97
CA VAL A 174 -51.55 56.25 12.12
C VAL A 174 -51.77 57.75 11.97
N LYS A 175 -50.71 58.44 12.38
CA LYS A 175 -50.62 59.86 12.13
C LYS A 175 -50.36 60.05 10.63
N ARG A 176 -50.82 59.08 9.85
CA ARG A 176 -50.68 59.13 8.39
C ARG A 176 -51.94 58.49 7.81
N TRP A 184 -52.66 44.97 11.81
CA TRP A 184 -52.14 44.15 10.67
C TRP A 184 -51.51 45.08 9.62
N GLN A 185 -52.21 45.23 8.49
CA GLN A 185 -51.57 45.29 7.19
C GLN A 185 -50.45 46.30 7.03
N ARG A 186 -50.59 47.57 7.43
CA ARG A 186 -49.48 48.51 7.28
C ARG A 186 -48.29 48.04 8.14
N PHE A 187 -48.60 47.73 9.41
CA PHE A 187 -47.56 47.40 10.37
C PHE A 187 -46.93 46.09 9.95
N TYR A 188 -47.77 45.23 9.38
CA TYR A 188 -47.25 43.97 8.91
C TYR A 188 -46.19 44.25 7.85
N GLN A 189 -46.48 45.23 6.99
CA GLN A 189 -45.69 45.38 5.78
C GLN A 189 -44.34 45.95 6.17
N LEU A 190 -44.36 46.95 7.08
CA LEU A 190 -43.17 47.64 7.52
C LEU A 190 -42.27 46.70 8.33
N THR A 191 -42.85 45.80 9.09
CA THR A 191 -42.00 44.96 9.92
C THR A 191 -41.38 43.88 9.05
N LYS A 192 -42.00 43.63 7.90
CA LYS A 192 -41.40 42.67 6.96
C LYS A 192 -40.28 43.36 6.20
N LEU A 193 -40.45 44.66 6.02
CA LEU A 193 -39.39 45.49 5.45
C LEU A 193 -38.18 45.46 6.39
N LEU A 194 -38.43 45.54 7.70
CA LEU A 194 -37.36 45.42 8.67
C LEU A 194 -36.69 44.07 8.61
N ASP A 195 -37.49 43.05 8.36
CA ASP A 195 -36.97 41.69 8.35
C ASP A 195 -36.11 41.55 7.10
N SER A 196 -36.52 42.18 5.99
CA SER A 196 -35.77 41.96 4.79
C SER A 196 -34.46 42.77 4.80
N MET A 197 -34.33 43.75 5.71
CA MET A 197 -33.09 44.51 5.86
C MET A 197 -31.92 43.60 6.24
N HIS A 198 -32.16 42.56 7.03
CA HIS A 198 -31.07 41.66 7.33
C HIS A 198 -30.51 40.98 6.09
N GLU A 199 -31.33 40.69 5.10
CA GLU A 199 -30.85 39.89 3.99
C GLU A 199 -30.14 40.84 3.04
N MET A 200 -30.81 41.97 2.76
CA MET A 200 -30.32 43.01 1.87
C MET A 200 -28.96 43.56 2.34
N VAL A 201 -28.73 43.62 3.65
CA VAL A 201 -27.59 44.15 4.39
C VAL A 201 -26.52 43.09 4.59
N GLY A 202 -26.91 41.80 4.73
CA GLY A 202 -25.92 40.74 4.75
C GLY A 202 -25.06 40.78 3.48
N GLY A 203 -25.68 41.11 2.35
CA GLY A 203 -24.93 41.08 1.11
C GLY A 203 -24.03 42.30 0.96
N LEU A 204 -24.45 43.48 1.45
CA LEU A 204 -23.56 44.63 1.49
C LEU A 204 -22.43 44.39 2.50
N LEU A 205 -22.79 43.80 3.63
CA LEU A 205 -21.72 43.44 4.55
C LEU A 205 -20.72 42.53 3.86
N GLN A 206 -21.22 41.64 3.01
CA GLN A 206 -20.31 40.63 2.49
C GLN A 206 -19.37 41.31 1.51
N PHE A 207 -19.91 42.24 0.73
CA PHE A 207 -19.06 42.98 -0.19
C PHE A 207 -18.12 43.89 0.57
N CYS A 208 -18.57 44.43 1.70
CA CYS A 208 -17.68 45.23 2.52
C CYS A 208 -16.48 44.39 2.98
N PHE A 209 -16.74 43.18 3.44
CA PHE A 209 -15.70 42.34 3.98
C PHE A 209 -14.73 41.91 2.90
N TYR A 210 -15.28 41.73 1.68
CA TYR A 210 -14.47 41.38 0.55
C TYR A 210 -13.48 42.51 0.26
N THR A 211 -14.01 43.73 0.09
CA THR A 211 -13.12 44.88 -0.17
C THR A 211 -12.15 45.11 0.96
N PHE A 212 -12.58 44.74 2.17
CA PHE A 212 -11.74 45.02 3.33
C PHE A 212 -10.54 44.10 3.37
N VAL A 213 -10.69 42.88 2.87
CA VAL A 213 -9.64 41.90 3.04
C VAL A 213 -8.76 41.81 1.80
N ASN A 214 -9.33 42.04 0.60
CA ASN A 214 -8.66 41.91 -0.69
C ASN A 214 -7.52 42.90 -0.87
N LYS A 215 -6.30 42.38 -0.90
CA LYS A 215 -5.09 43.18 -1.08
C LYS A 215 -4.99 43.83 -2.47
N SER A 216 -5.36 43.11 -3.54
CA SER A 216 -5.19 43.64 -4.89
C SER A 216 -5.90 44.98 -5.05
N LEU A 217 -7.06 45.09 -4.41
CA LEU A 217 -8.01 46.14 -4.72
C LEU A 217 -7.65 47.46 -4.00
N SER A 218 -6.90 47.40 -2.89
CA SER A 218 -6.37 48.59 -2.27
C SER A 218 -7.44 49.61 -1.80
N VAL A 219 -8.68 49.16 -1.50
CA VAL A 219 -9.76 50.05 -1.06
C VAL A 219 -9.41 50.61 0.31
N GLU A 220 -9.54 51.92 0.52
CA GLU A 220 -9.28 52.48 1.84
C GLU A 220 -10.53 52.55 2.72
N PHE A 221 -10.35 52.22 4.00
CA PHE A 221 -11.33 52.34 5.06
C PHE A 221 -10.76 53.26 6.13
N PRO A 222 -11.56 54.18 6.78
CA PRO A 222 -11.04 55.00 7.90
C PRO A 222 -10.86 54.12 9.14
N GLU A 223 -10.08 54.60 10.11
CA GLU A 223 -9.56 53.77 11.18
C GLU A 223 -10.72 53.29 12.07
N MET A 224 -11.66 54.20 12.29
CA MET A 224 -12.95 53.98 12.90
C MET A 224 -13.64 52.72 12.36
N LEU A 225 -14.08 52.74 11.10
CA LEU A 225 -14.60 51.56 10.41
C LEU A 225 -13.67 50.35 10.49
N ALA A 226 -12.42 50.55 10.09
CA ALA A 226 -11.52 49.42 10.00
C ALA A 226 -11.51 48.65 11.31
N GLU A 227 -11.57 49.32 12.47
CA GLU A 227 -11.54 48.58 13.73
C GLU A 227 -12.88 47.90 14.00
N ILE A 228 -13.99 48.52 13.56
CA ILE A 228 -15.32 47.97 13.71
C ILE A 228 -15.39 46.72 12.82
N ILE A 229 -14.96 46.87 11.58
CA ILE A 229 -15.08 45.79 10.60
C ILE A 229 -14.15 44.66 10.99
N SER A 230 -13.01 45.01 11.56
CA SER A 230 -12.02 44.02 11.89
C SER A 230 -12.50 43.15 13.04
N ASN A 231 -13.15 43.78 14.03
CA ASN A 231 -13.75 43.06 15.15
C ASN A 231 -15.05 42.34 14.73
N GLN A 232 -15.69 42.74 13.62
CA GLN A 232 -17.00 42.17 13.26
C GLN A 232 -16.83 40.91 12.40
N LEU A 233 -15.81 40.92 11.51
CA LEU A 233 -15.48 39.87 10.56
C LEU A 233 -15.30 38.51 11.27
N PRO A 234 -14.60 38.40 12.43
CA PRO A 234 -14.53 37.13 13.18
C PRO A 234 -15.85 36.60 13.72
N LYS A 235 -16.77 37.51 14.07
CA LYS A 235 -18.01 37.12 14.73
C LYS A 235 -19.00 36.57 13.71
N PHE A 236 -18.86 36.99 12.45
CA PHE A 236 -19.68 36.53 11.34
C PHE A 236 -19.12 35.23 10.78
N LYS A 237 -17.79 35.10 10.88
CA LYS A 237 -17.10 33.85 10.57
C LYS A 237 -17.70 32.76 11.46
N ALA A 238 -17.84 33.06 12.75
CA ALA A 238 -18.28 32.09 13.73
C ALA A 238 -19.80 31.87 13.64
N GLY A 239 -20.51 32.83 13.03
CA GLY A 239 -21.97 32.78 12.92
C GLY A 239 -22.64 32.93 14.29
N SER A 240 -22.02 33.76 15.14
CA SER A 240 -22.51 34.00 16.49
C SER A 240 -23.36 35.27 16.53
N VAL A 241 -23.79 35.74 15.34
CA VAL A 241 -24.55 36.99 15.25
C VAL A 241 -26.02 36.70 14.97
N LYS A 242 -26.93 37.16 15.86
CA LYS A 242 -28.33 36.76 15.86
C LYS A 242 -29.23 37.90 15.35
N PRO A 243 -29.91 37.68 14.20
CA PRO A 243 -30.89 38.63 13.71
C PRO A 243 -32.17 38.58 14.55
N LEU A 244 -32.70 39.74 14.98
CA LEU A 244 -34.09 39.80 15.48
C LEU A 244 -35.13 39.86 14.36
N LEU A 245 -35.99 38.83 14.25
CA LEU A 245 -36.98 38.82 13.16
C LEU A 245 -38.40 38.94 13.72
N PHE A 246 -39.22 39.77 13.07
CA PHE A 246 -40.62 39.91 13.44
C PHE A 246 -41.42 38.68 13.03
N HIS A 247 -41.10 38.13 11.85
CA HIS A 247 -41.79 37.03 11.19
C HIS A 247 -40.81 35.89 10.89
N GLN A 248 -41.28 34.62 10.98
CA GLN A 248 -40.57 33.48 10.41
C GLN A 248 -41.28 33.07 9.12
N ARG B 1 -12.79 43.85 21.13
CA ARG B 1 -13.57 45.16 21.34
C ARG B 1 -12.86 46.32 20.65
N PRO B 2 -13.59 47.06 19.78
CA PRO B 2 -13.03 48.17 18.98
C PRO B 2 -12.94 49.51 19.71
N ALA B 3 -11.70 49.95 19.84
CA ALA B 3 -11.25 50.93 20.85
C ALA B 3 -11.85 52.30 20.61
N ILE B 4 -11.87 52.81 19.35
CA ILE B 4 -12.45 54.14 19.14
C ILE B 4 -13.94 54.12 19.48
N LEU B 5 -14.65 53.06 19.01
CA LEU B 5 -16.10 53.08 19.18
C LEU B 5 -16.39 53.04 20.67
N TYR B 6 -15.57 52.25 21.38
CA TYR B 6 -15.69 52.01 22.80
C TYR B 6 -15.51 53.31 23.58
N ALA B 7 -14.49 54.06 23.17
CA ALA B 7 -14.17 55.31 23.83
C ALA B 7 -15.24 56.33 23.53
N LEU B 8 -15.86 56.25 22.36
CA LEU B 8 -16.88 57.26 22.04
C LEU B 8 -18.14 57.08 22.89
N LEU B 9 -18.44 55.84 23.28
CA LEU B 9 -19.70 55.55 23.96
C LEU B 9 -19.61 55.84 25.46
N SER B 10 -18.38 55.82 26.00
CA SER B 10 -18.14 56.03 27.42
C SER B 10 -17.53 57.41 27.67
N SER B 11 -18.04 58.42 26.95
CA SER B 11 -17.73 59.82 27.18
C SER B 11 -18.92 60.59 27.78
N PRO C 2 11.18 1.99 -13.16
CA PRO C 2 11.30 3.35 -13.70
C PRO C 2 11.18 4.30 -12.50
N THR C 3 12.04 5.31 -12.45
CA THR C 3 12.04 6.26 -11.34
C THR C 3 10.67 6.90 -11.23
N LEU C 4 10.38 7.38 -10.02
CA LEU C 4 9.22 8.21 -9.73
C LEU C 4 9.16 9.41 -10.67
N ILE C 5 10.31 10.02 -10.93
CA ILE C 5 10.31 11.28 -11.67
C ILE C 5 9.89 10.99 -13.12
N SER C 6 10.17 9.77 -13.59
CA SER C 6 9.86 9.45 -14.99
C SER C 6 8.39 9.10 -15.10
N LEU C 7 7.80 8.57 -14.03
CA LEU C 7 6.35 8.40 -13.99
C LEU C 7 5.65 9.76 -13.96
N LEU C 8 6.10 10.66 -13.08
CA LEU C 8 5.52 11.98 -13.02
C LEU C 8 5.50 12.59 -14.42
N GLU C 9 6.59 12.38 -15.17
CA GLU C 9 6.74 12.89 -16.51
C GLU C 9 5.61 12.39 -17.40
N VAL C 10 5.18 11.13 -17.23
CA VAL C 10 4.30 10.54 -18.22
C VAL C 10 2.83 10.67 -17.82
N ILE C 11 2.57 11.02 -16.55
CA ILE C 11 1.20 11.26 -16.15
C ILE C 11 0.89 12.76 -16.27
N GLU C 12 1.91 13.59 -16.55
CA GLU C 12 1.71 15.01 -16.72
C GLU C 12 0.74 15.17 -17.89
N PRO C 13 -0.43 15.83 -17.71
CA PRO C 13 -1.36 16.02 -18.82
C PRO C 13 -0.77 16.92 -19.93
N GLU C 14 -1.15 16.62 -21.17
CA GLU C 14 -0.90 17.57 -22.23
C GLU C 14 -1.98 18.65 -22.07
N VAL C 15 -1.56 19.90 -22.21
CA VAL C 15 -2.47 21.02 -22.09
C VAL C 15 -3.66 20.86 -23.02
N LEU C 16 -4.82 21.20 -22.47
CA LEU C 16 -6.14 21.29 -23.08
C LEU C 16 -6.19 22.46 -24.05
N TYR C 17 -7.27 22.47 -24.84
CA TYR C 17 -7.53 23.55 -25.79
C TYR C 17 -8.76 24.26 -25.31
N SER C 18 -8.78 25.61 -25.39
CA SER C 18 -9.95 26.36 -24.92
C SER C 18 -11.05 26.48 -25.96
N GLY C 19 -10.65 26.71 -27.22
CA GLY C 19 -11.64 26.87 -28.27
C GLY C 19 -12.26 28.27 -28.27
N TYR C 20 -11.52 29.22 -27.71
CA TYR C 20 -11.91 30.61 -27.71
C TYR C 20 -11.83 31.20 -29.11
N ASP C 21 -12.93 31.81 -29.53
CA ASP C 21 -13.10 32.36 -30.86
C ASP C 21 -12.81 33.85 -30.88
N SER C 22 -11.55 34.24 -31.17
CA SER C 22 -11.16 35.64 -31.02
C SER C 22 -11.56 36.42 -32.27
N THR C 23 -12.49 35.80 -33.00
CA THR C 23 -13.17 36.36 -34.14
C THR C 23 -14.20 37.36 -33.64
N LEU C 24 -14.83 37.08 -32.50
CA LEU C 24 -15.74 38.00 -31.82
C LEU C 24 -14.97 39.03 -30.98
N PRO C 25 -15.58 40.19 -30.63
CA PRO C 25 -14.92 41.18 -29.76
C PRO C 25 -14.70 40.60 -28.35
N ASP C 26 -13.58 40.97 -27.74
CA ASP C 26 -13.23 40.47 -26.42
C ASP C 26 -14.08 41.14 -25.34
N THR C 27 -14.70 40.35 -24.45
CA THR C 27 -15.27 41.01 -23.28
C THR C 27 -14.83 40.30 -22.01
N SER C 28 -14.94 40.99 -20.88
CA SER C 28 -14.43 40.44 -19.65
C SER C 28 -15.33 39.31 -19.14
N THR C 29 -16.65 39.46 -19.32
CA THR C 29 -17.58 38.42 -18.86
C THR C 29 -17.36 37.13 -19.66
N ARG C 30 -17.32 37.23 -20.98
CA ARG C 30 -17.00 36.14 -21.89
C ARG C 30 -15.65 35.47 -21.56
N LEU C 31 -14.59 36.25 -21.52
CA LEU C 31 -13.27 35.71 -21.18
C LEU C 31 -13.25 34.99 -19.82
N MET C 32 -13.97 35.45 -18.80
CA MET C 32 -13.97 34.78 -17.50
C MET C 32 -14.72 33.44 -17.56
N SER C 33 -15.85 33.46 -18.24
CA SER C 33 -16.60 32.26 -18.57
C SER C 33 -15.74 31.22 -19.32
N THR C 34 -14.95 31.68 -20.29
CA THR C 34 -14.03 30.79 -21.00
C THR C 34 -12.93 30.27 -20.07
N LEU C 35 -12.44 31.07 -19.12
CA LEU C 35 -11.34 30.61 -18.28
C LEU C 35 -11.85 29.49 -17.41
N ASN C 36 -13.06 29.69 -16.90
CA ASN C 36 -13.66 28.75 -15.97
C ASN C 36 -13.97 27.42 -16.67
N ARG C 37 -14.46 27.49 -17.92
CA ARG C 37 -14.71 26.32 -18.74
C ARG C 37 -13.36 25.65 -19.00
N LEU C 38 -12.35 26.42 -19.39
CA LEU C 38 -11.13 25.71 -19.65
C LEU C 38 -10.65 25.11 -18.33
N GLY C 39 -10.98 25.78 -17.21
CA GLY C 39 -10.48 25.37 -15.90
C GLY C 39 -11.14 24.11 -15.39
N GLY C 40 -12.44 23.96 -15.62
CA GLY C 40 -13.18 22.79 -15.14
C GLY C 40 -12.70 21.52 -15.84
N ARG C 41 -12.19 21.69 -17.07
CA ARG C 41 -11.69 20.60 -17.89
C ARG C 41 -10.27 20.26 -17.40
N GLN C 42 -9.44 21.29 -17.20
CA GLN C 42 -8.13 21.13 -16.62
C GLN C 42 -8.24 20.40 -15.29
N VAL C 43 -9.26 20.73 -14.50
CA VAL C 43 -9.45 20.00 -13.27
C VAL C 43 -9.75 18.51 -13.49
N VAL C 44 -10.56 18.15 -14.51
CA VAL C 44 -10.86 16.74 -14.80
C VAL C 44 -9.51 16.09 -15.11
N SER C 45 -8.69 16.76 -15.92
CA SER C 45 -7.37 16.29 -16.26
C SER C 45 -6.53 16.09 -15.00
N ALA C 46 -6.76 16.92 -13.99
CA ALA C 46 -5.96 16.86 -12.77
C ALA C 46 -6.48 15.75 -11.86
N VAL C 47 -7.71 15.30 -12.09
CA VAL C 47 -8.18 14.19 -11.29
C VAL C 47 -7.55 12.90 -11.82
N LYS C 48 -7.36 12.83 -13.13
CA LYS C 48 -6.80 11.69 -13.81
C LYS C 48 -5.35 11.59 -13.32
N TRP C 49 -4.68 12.76 -13.29
CA TRP C 49 -3.29 12.85 -12.90
C TRP C 49 -3.14 12.44 -11.45
N ALA C 50 -4.07 12.85 -10.59
CA ALA C 50 -3.90 12.50 -9.19
C ALA C 50 -4.09 11.01 -9.02
N LYS C 51 -5.01 10.44 -9.81
CA LYS C 51 -5.36 9.04 -9.64
C LYS C 51 -4.15 8.18 -10.03
N ALA C 52 -3.45 8.59 -11.10
CA ALA C 52 -2.26 7.90 -11.56
C ALA C 52 -1.04 8.25 -10.70
N LEU C 53 -1.24 8.93 -9.56
CA LEU C 53 -0.08 9.42 -8.81
C LEU C 53 0.36 8.36 -7.81
N PRO C 54 1.59 7.79 -7.94
CA PRO C 54 2.00 6.71 -7.04
C PRO C 54 1.69 7.11 -5.61
N GLY C 55 0.77 6.34 -5.01
CA GLY C 55 0.49 6.47 -3.59
C GLY C 55 -0.78 7.25 -3.30
N PHE C 56 -1.18 8.11 -4.23
CA PHE C 56 -2.33 8.92 -3.94
C PHE C 56 -3.57 8.04 -3.73
N ARG C 57 -3.71 6.97 -4.52
CA ARG C 57 -4.82 6.02 -4.43
C ARG C 57 -4.84 5.27 -3.09
N ASN C 58 -3.80 5.35 -2.27
CA ASN C 58 -3.77 4.64 -0.98
C ASN C 58 -4.46 5.41 0.14
N LEU C 59 -4.79 6.67 -0.13
CA LEU C 59 -5.56 7.48 0.81
C LEU C 59 -7.02 7.03 0.73
N HIS C 60 -7.76 7.32 1.81
CA HIS C 60 -9.20 7.19 1.76
C HIS C 60 -9.78 8.19 0.77
N LEU C 61 -10.94 7.84 0.20
CA LEU C 61 -11.62 8.73 -0.72
C LEU C 61 -11.89 10.07 -0.05
N ASP C 62 -12.17 10.06 1.26
CA ASP C 62 -12.51 11.32 1.88
C ASP C 62 -11.34 12.29 1.74
N ASP C 63 -10.14 11.72 1.88
CA ASP C 63 -8.88 12.42 1.80
C ASP C 63 -8.61 12.78 0.34
N GLN C 64 -8.80 11.83 -0.58
CA GLN C 64 -8.51 12.17 -1.96
C GLN C 64 -9.35 13.35 -2.41
N MET C 65 -10.60 13.36 -1.94
CA MET C 65 -11.51 14.43 -2.30
C MET C 65 -11.09 15.72 -1.62
N THR C 66 -10.75 15.65 -0.33
CA THR C 66 -10.44 16.85 0.45
C THR C 66 -9.29 17.60 -0.23
N LEU C 67 -8.35 16.83 -0.78
CA LEU C 67 -7.06 17.39 -1.16
C LEU C 67 -7.20 18.08 -2.51
N LEU C 68 -8.02 17.48 -3.38
CA LEU C 68 -8.26 18.07 -4.67
C LEU C 68 -9.13 19.31 -4.52
N GLN C 69 -10.14 19.26 -3.64
CA GLN C 69 -11.00 20.38 -3.34
C GLN C 69 -10.20 21.58 -2.85
N TYR C 70 -9.26 21.29 -1.93
CA TYR C 70 -8.50 22.37 -1.28
C TYR C 70 -7.33 22.86 -2.11
N SER C 71 -6.96 22.19 -3.21
CA SER C 71 -5.75 22.64 -3.89
C SER C 71 -5.87 22.89 -5.38
N TRP C 72 -7.10 22.84 -5.92
CA TRP C 72 -7.23 22.78 -7.38
C TRP C 72 -6.71 24.07 -8.01
N MET C 73 -7.03 25.17 -7.33
CA MET C 73 -6.69 26.52 -7.75
C MET C 73 -5.16 26.69 -7.78
N SER C 74 -4.52 26.18 -6.73
CA SER C 74 -3.08 26.16 -6.62
C SER C 74 -2.48 25.28 -7.69
N LEU C 75 -3.00 24.10 -7.94
CA LEU C 75 -2.53 23.33 -9.12
C LEU C 75 -2.69 24.08 -10.44
N MET C 76 -3.87 24.64 -10.71
CA MET C 76 -4.03 25.28 -12.01
C MET C 76 -3.20 26.55 -12.15
N ALA C 77 -3.08 27.33 -11.06
CA ALA C 77 -2.28 28.57 -11.16
C ALA C 77 -0.79 28.23 -11.31
N PHE C 78 -0.35 27.13 -10.67
CA PHE C 78 1.04 26.75 -10.78
C PHE C 78 1.37 26.33 -12.22
N SER C 79 0.50 25.52 -12.84
CA SER C 79 0.68 25.05 -14.22
C SER C 79 0.63 26.21 -15.20
N LEU C 80 -0.35 27.10 -15.00
CA LEU C 80 -0.43 28.30 -15.82
C LEU C 80 0.88 29.11 -15.71
N GLY C 81 1.42 29.25 -14.49
CA GLY C 81 2.69 29.92 -14.24
C GLY C 81 3.85 29.28 -15.02
N TRP C 82 3.86 27.95 -15.05
CA TRP C 82 4.85 27.25 -15.85
C TRP C 82 4.67 27.55 -17.35
N ARG C 83 3.47 27.26 -17.89
CA ARG C 83 3.17 27.47 -19.30
C ARG C 83 3.55 28.87 -19.75
N SER C 84 3.29 29.88 -18.92
CA SER C 84 3.64 31.24 -19.29
C SER C 84 5.15 31.45 -19.24
N TYR C 85 5.83 30.65 -18.40
CA TYR C 85 7.27 30.76 -18.27
C TYR C 85 7.91 30.14 -19.49
N LYS C 86 7.52 28.91 -19.80
CA LYS C 86 8.09 28.26 -20.97
C LYS C 86 7.74 29.01 -22.25
N GLN C 87 6.44 29.18 -22.52
CA GLN C 87 5.96 29.52 -23.86
C GLN C 87 6.15 31.00 -24.18
N SER C 88 6.34 31.85 -23.15
CA SER C 88 6.44 33.29 -23.36
C SER C 88 7.47 33.94 -22.44
N ASN C 89 8.29 33.14 -21.76
CA ASN C 89 9.22 33.61 -20.75
C ASN C 89 8.60 34.58 -19.73
N GLY C 90 7.32 34.35 -19.37
CA GLY C 90 6.70 35.04 -18.24
C GLY C 90 6.20 36.44 -18.57
N ASN C 91 6.05 36.73 -19.88
CA ASN C 91 5.72 38.07 -20.35
C ASN C 91 4.21 38.25 -20.40
N MET C 92 3.53 37.15 -20.77
CA MET C 92 2.10 37.09 -21.00
C MET C 92 1.57 35.80 -20.38
N LEU C 93 0.30 35.81 -19.93
CA LEU C 93 -0.32 34.59 -19.45
C LEU C 93 -0.64 33.71 -20.64
N CYS C 94 -0.05 32.52 -20.70
CA CYS C 94 -0.44 31.53 -21.71
C CYS C 94 -1.40 30.51 -21.13
N PHE C 95 -2.69 30.79 -21.25
CA PHE C 95 -3.70 30.00 -20.59
C PHE C 95 -3.91 28.72 -21.39
N ALA C 96 -3.81 28.88 -22.71
CA ALA C 96 -3.82 27.76 -23.64
C ALA C 96 -3.11 28.29 -24.87
N PRO C 97 -2.80 27.45 -25.88
CA PRO C 97 -2.13 27.97 -27.09
C PRO C 97 -3.07 28.84 -27.92
N ASP C 98 -4.39 28.57 -27.83
CA ASP C 98 -5.44 29.36 -28.49
C ASP C 98 -6.00 30.45 -27.57
N LEU C 99 -5.33 30.74 -26.45
CA LEU C 99 -5.80 31.77 -25.52
C LEU C 99 -4.61 32.38 -24.78
N VAL C 100 -4.18 33.57 -25.20
CA VAL C 100 -3.13 34.26 -24.46
C VAL C 100 -3.72 35.56 -23.96
N ILE C 101 -3.05 36.21 -23.00
CA ILE C 101 -3.67 37.44 -22.54
C ILE C 101 -2.84 38.66 -22.94
N ASN C 102 -3.31 39.32 -24.01
CA ASN C 102 -2.78 40.59 -24.48
C ASN C 102 -3.60 41.70 -23.83
N GLU C 103 -2.94 42.84 -23.61
CA GLU C 103 -3.31 43.92 -22.71
C GLU C 103 -3.99 44.88 -23.64
N GLU C 104 -4.51 44.27 -24.70
CA GLU C 104 -5.77 44.73 -25.21
C GLU C 104 -6.76 44.03 -24.30
N ARG C 105 -6.46 42.76 -24.06
CA ARG C 105 -7.26 41.88 -23.25
C ARG C 105 -6.84 41.89 -21.78
N MET C 106 -5.67 42.42 -21.39
CA MET C 106 -5.50 42.62 -19.94
C MET C 106 -6.21 43.87 -19.46
N GLN C 107 -6.46 44.76 -20.44
CA GLN C 107 -6.94 46.07 -20.06
C GLN C 107 -8.44 46.00 -19.85
N LEU C 108 -9.06 44.87 -20.22
CA LEU C 108 -10.49 44.69 -20.01
C LEU C 108 -10.83 44.75 -18.53
N PRO C 109 -12.06 45.21 -18.19
CA PRO C 109 -12.47 45.38 -16.79
C PRO C 109 -12.43 44.07 -16.00
N TYR C 110 -11.95 44.14 -14.76
CA TYR C 110 -11.83 43.00 -13.86
C TYR C 110 -10.53 42.25 -14.13
N MET C 111 -9.84 42.55 -15.22
CA MET C 111 -8.88 41.54 -15.66
C MET C 111 -7.50 41.89 -15.14
N TYR C 112 -7.19 43.17 -15.08
CA TYR C 112 -5.83 43.57 -14.81
C TYR C 112 -5.37 42.90 -13.50
N ASP C 113 -6.15 43.06 -12.41
CA ASP C 113 -5.64 42.67 -11.12
C ASP C 113 -5.39 41.16 -11.14
N GLN C 114 -6.41 40.43 -11.56
CA GLN C 114 -6.32 38.98 -11.48
C GLN C 114 -5.18 38.51 -12.38
N CYS C 115 -4.88 39.24 -13.46
CA CYS C 115 -3.82 38.78 -14.35
C CYS C 115 -2.45 39.11 -13.78
N GLN C 116 -2.40 40.16 -12.95
CA GLN C 116 -1.15 40.54 -12.31
C GLN C 116 -0.74 39.45 -11.31
N GLN C 117 -1.70 39.03 -10.48
CA GLN C 117 -1.42 38.02 -9.47
C GLN C 117 -0.93 36.75 -10.15
N MET C 118 -1.58 36.36 -11.25
CA MET C 118 -1.16 35.17 -11.96
C MET C 118 0.23 35.34 -12.55
N LEU C 119 0.56 36.52 -13.07
CA LEU C 119 1.88 36.71 -13.68
C LEU C 119 2.98 36.61 -12.62
N LYS C 120 2.66 37.03 -11.38
CA LYS C 120 3.55 37.02 -10.23
C LYS C 120 4.13 35.61 -10.07
N ILE C 121 3.26 34.59 -10.13
CA ILE C 121 3.64 33.18 -10.06
C ILE C 121 4.62 32.89 -11.17
N SER C 122 4.30 33.46 -12.34
CA SER C 122 5.10 33.23 -13.53
C SER C 122 6.52 33.77 -13.34
N SER C 123 6.63 34.91 -12.66
CA SER C 123 7.89 35.62 -12.60
C SER C 123 8.80 35.00 -11.54
N GLU C 124 8.20 34.30 -10.56
CA GLU C 124 8.93 33.50 -9.59
C GLU C 124 9.66 32.35 -10.29
N PHE C 125 9.03 31.76 -11.30
CA PHE C 125 9.70 30.74 -12.11
C PHE C 125 10.89 31.36 -12.83
N VAL C 126 10.77 32.65 -13.15
CA VAL C 126 11.76 33.37 -13.94
C VAL C 126 12.92 33.72 -13.01
N ARG C 127 12.58 34.23 -11.82
CA ARG C 127 13.59 34.52 -10.81
C ARG C 127 14.44 33.29 -10.51
N LEU C 128 13.82 32.14 -10.23
CA LEU C 128 14.57 31.03 -9.68
C LEU C 128 15.09 30.12 -10.78
N GLN C 129 14.60 30.31 -12.01
CA GLN C 129 15.03 29.52 -13.16
C GLN C 129 14.72 28.06 -12.90
N VAL C 130 13.50 27.80 -12.40
CA VAL C 130 13.05 26.46 -12.04
C VAL C 130 13.27 25.50 -13.22
N SER C 131 13.56 24.22 -12.93
CA SER C 131 13.59 23.13 -13.91
C SER C 131 12.22 22.51 -14.08
N TYR C 132 12.05 21.67 -15.13
CA TYR C 132 10.80 20.96 -15.36
C TYR C 132 10.56 19.95 -14.25
N ASP C 133 11.67 19.37 -13.78
CA ASP C 133 11.53 18.27 -12.85
C ASP C 133 11.25 18.85 -11.47
N GLU C 134 11.83 20.04 -11.24
CA GLU C 134 11.62 20.74 -10.00
C GLU C 134 10.12 21.09 -9.91
N TYR C 135 9.57 21.54 -11.04
CA TYR C 135 8.19 21.98 -11.17
C TYR C 135 7.24 20.82 -10.91
N LEU C 136 7.54 19.66 -11.49
CA LEU C 136 6.68 18.50 -11.31
C LEU C 136 6.56 18.07 -9.86
N CYS C 137 7.67 18.16 -9.10
CA CYS C 137 7.62 17.55 -7.78
C CYS C 137 6.99 18.60 -6.89
N MET C 138 7.30 19.87 -7.21
CA MET C 138 6.69 20.97 -6.51
C MET C 138 5.18 20.90 -6.68
N LYS C 139 4.71 20.49 -7.87
CA LYS C 139 3.27 20.57 -8.13
C LYS C 139 2.59 19.50 -7.28
N VAL C 140 3.19 18.33 -7.21
CA VAL C 140 2.67 17.30 -6.31
C VAL C 140 2.63 17.82 -4.87
N LEU C 141 3.66 18.58 -4.46
CA LEU C 141 3.65 18.94 -3.07
C LEU C 141 2.53 19.93 -2.85
N LEU C 142 2.19 20.71 -3.89
CA LEU C 142 1.05 21.62 -3.82
C LEU C 142 -0.24 20.87 -3.50
N LEU C 143 -0.44 19.72 -4.14
CA LEU C 143 -1.65 18.94 -3.92
C LEU C 143 -1.75 18.58 -2.45
N LEU C 144 -0.61 18.45 -1.78
CA LEU C 144 -0.56 17.92 -0.43
C LEU C 144 -0.37 19.01 0.60
N SER C 145 -0.68 20.27 0.24
CA SER C 145 -0.25 21.41 1.03
C SER C 145 -1.36 22.10 1.84
N THR C 146 -2.62 21.73 1.63
CA THR C 146 -3.73 22.35 2.34
C THR C 146 -4.59 21.26 2.96
N VAL C 147 -4.82 21.38 4.28
CA VAL C 147 -5.54 20.30 4.96
C VAL C 147 -6.58 20.88 5.89
N PRO C 148 -7.58 20.08 6.32
CA PRO C 148 -8.52 20.54 7.35
C PRO C 148 -7.89 20.53 8.74
N LYS C 149 -8.25 21.52 9.57
CA LYS C 149 -7.77 21.57 10.94
C LYS C 149 -8.24 20.34 11.72
N ASP C 150 -9.39 19.77 11.32
CA ASP C 150 -9.91 18.53 11.87
C ASP C 150 -9.12 17.32 11.36
N GLY C 151 -8.09 17.59 10.55
CA GLY C 151 -7.16 16.56 10.09
C GLY C 151 -7.82 15.59 9.11
N LEU C 152 -7.02 14.64 8.65
CA LEU C 152 -7.52 13.71 7.66
C LEU C 152 -8.05 12.48 8.37
N LYS C 153 -8.76 11.65 7.62
CA LYS C 153 -9.06 10.28 8.00
C LYS C 153 -7.74 9.49 8.04
N SER C 154 -7.14 9.29 6.86
CA SER C 154 -5.90 8.52 6.77
C SER C 154 -4.66 9.42 6.77
N GLN C 155 -4.45 10.13 7.89
CA GLN C 155 -3.29 11.00 8.10
C GLN C 155 -1.99 10.20 7.93
N ALA C 156 -2.03 8.88 8.18
CA ALA C 156 -0.83 8.08 8.23
C ALA C 156 -0.24 7.93 6.83
N VAL C 157 -1.10 7.51 5.88
CA VAL C 157 -0.69 7.34 4.49
C VAL C 157 -0.20 8.66 3.93
N PHE C 158 -0.77 9.76 4.46
CA PHE C 158 -0.59 11.13 3.99
C PHE C 158 0.83 11.59 4.33
N ASP C 159 1.24 11.35 5.57
CA ASP C 159 2.54 11.76 6.07
C ASP C 159 3.69 11.12 5.29
N GLU C 160 3.45 9.90 4.78
CA GLU C 160 4.48 9.11 4.12
C GLU C 160 4.53 9.48 2.63
N ILE C 161 3.37 9.90 2.11
CA ILE C 161 3.20 10.40 0.75
C ILE C 161 3.99 11.69 0.62
N ARG C 162 3.82 12.61 1.59
CA ARG C 162 4.57 13.85 1.53
C ARG C 162 6.08 13.56 1.62
N MET C 163 6.43 12.45 2.31
CA MET C 163 7.83 12.17 2.59
C MET C 163 8.56 11.78 1.32
N THR C 164 7.91 10.84 0.63
CA THR C 164 8.22 10.43 -0.74
C THR C 164 8.52 11.61 -1.66
N TYR C 165 7.60 12.59 -1.72
CA TYR C 165 7.72 13.59 -2.76
C TYR C 165 8.73 14.66 -2.37
N ILE C 166 8.90 14.82 -1.06
CA ILE C 166 9.94 15.73 -0.59
C ILE C 166 11.30 15.18 -1.03
N LYS C 167 11.47 13.84 -0.97
CA LYS C 167 12.76 13.29 -1.33
C LYS C 167 12.98 13.49 -2.83
N GLU C 168 11.86 13.44 -3.55
CA GLU C 168 11.82 13.38 -5.00
C GLU C 168 12.20 14.73 -5.57
N LEU C 169 11.77 15.76 -4.86
CA LEU C 169 12.10 17.11 -5.24
C LEU C 169 13.59 17.28 -4.97
N GLY C 170 14.06 16.73 -3.84
CA GLY C 170 15.46 16.66 -3.46
C GLY C 170 16.34 16.16 -4.59
N LYS C 171 16.02 14.97 -5.08
CA LYS C 171 16.55 14.40 -6.29
C LYS C 171 16.53 15.37 -7.47
N ALA C 172 15.43 16.11 -7.64
CA ALA C 172 15.21 16.87 -8.86
C ALA C 172 16.18 18.03 -8.86
N ILE C 173 16.40 18.56 -7.66
CA ILE C 173 17.36 19.63 -7.48
C ILE C 173 18.75 19.21 -7.95
N VAL C 174 19.20 18.02 -7.52
CA VAL C 174 20.53 17.48 -7.74
C VAL C 174 20.76 17.14 -9.22
N LYS C 175 19.79 16.46 -9.86
CA LYS C 175 19.86 16.09 -11.26
C LYS C 175 19.91 17.34 -12.13
N ARG C 176 20.22 18.48 -11.53
CA ARG C 176 20.35 19.74 -12.23
C ARG C 176 21.71 20.36 -11.83
N ASN C 183 22.88 24.38 -3.29
CA ASN C 183 22.09 23.12 -3.53
C ASN C 183 21.52 22.59 -2.21
N TRP C 184 21.98 23.08 -1.08
CA TRP C 184 21.12 23.08 0.08
C TRP C 184 20.25 24.34 0.04
N GLN C 185 20.81 25.47 -0.46
CA GLN C 185 20.10 26.74 -0.44
C GLN C 185 18.99 26.65 -1.47
N ARG C 186 19.14 25.72 -2.42
CA ARG C 186 18.17 25.55 -3.50
C ARG C 186 16.86 25.08 -2.87
N PHE C 187 16.94 24.09 -1.96
CA PHE C 187 15.79 23.50 -1.31
C PHE C 187 15.09 24.56 -0.50
N TYR C 188 15.89 25.41 0.14
CA TYR C 188 15.28 26.48 0.91
C TYR C 188 14.43 27.32 -0.03
N GLN C 189 14.95 27.56 -1.25
CA GLN C 189 14.38 28.60 -2.07
C GLN C 189 13.05 28.10 -2.61
N LEU C 190 13.06 26.84 -3.05
CA LEU C 190 11.88 26.21 -3.63
C LEU C 190 10.78 26.04 -2.58
N THR C 191 11.15 25.75 -1.35
CA THR C 191 10.11 25.48 -0.37
C THR C 191 9.51 26.81 0.06
N LYS C 192 10.24 27.90 -0.14
CA LYS C 192 9.70 29.20 0.20
C LYS C 192 8.79 29.65 -0.92
N LEU C 193 9.11 29.18 -2.13
CA LEU C 193 8.24 29.41 -3.28
C LEU C 193 6.92 28.69 -3.03
N LEU C 194 6.99 27.48 -2.49
CA LEU C 194 5.77 26.74 -2.15
C LEU C 194 4.97 27.46 -1.07
N ASP C 195 5.69 28.08 -0.15
CA ASP C 195 5.05 28.73 0.97
C ASP C 195 4.37 29.98 0.43
N SER C 196 4.98 30.65 -0.53
CA SER C 196 4.41 31.90 -0.96
C SER C 196 3.20 31.66 -1.88
N MET C 197 3.07 30.43 -2.41
CA MET C 197 1.91 30.05 -3.23
C MET C 197 0.61 30.17 -2.43
N HIS C 198 0.58 29.92 -1.13
CA HIS C 198 -0.66 30.06 -0.41
C HIS C 198 -1.18 31.49 -0.44
N GLU C 199 -0.27 32.49 -0.45
CA GLU C 199 -0.75 33.85 -0.32
C GLU C 199 -1.21 34.30 -1.70
N MET C 200 -0.39 33.97 -2.70
CA MET C 200 -0.61 34.30 -4.09
C MET C 200 -1.90 33.67 -4.64
N VAL C 201 -2.39 32.56 -4.08
CA VAL C 201 -3.61 31.84 -4.48
C VAL C 201 -4.80 32.24 -3.63
N GLY C 202 -4.57 32.68 -2.38
CA GLY C 202 -5.68 33.16 -1.57
C GLY C 202 -6.38 34.34 -2.26
N GLY C 203 -5.61 35.15 -3.00
CA GLY C 203 -6.18 36.31 -3.67
C GLY C 203 -7.06 35.89 -4.86
N LEU C 204 -6.55 34.91 -5.64
CA LEU C 204 -7.32 34.38 -6.77
C LEU C 204 -8.53 33.63 -6.24
N LEU C 205 -8.37 32.89 -5.13
CA LEU C 205 -9.53 32.29 -4.55
C LEU C 205 -10.57 33.33 -4.24
N GLN C 206 -10.11 34.47 -3.73
CA GLN C 206 -11.09 35.41 -3.22
C GLN C 206 -11.89 35.98 -4.40
N PHE C 207 -11.18 36.26 -5.47
CA PHE C 207 -11.82 36.78 -6.66
C PHE C 207 -12.67 35.70 -7.31
N CYS C 208 -12.25 34.44 -7.23
CA CYS C 208 -13.06 33.35 -7.72
C CYS C 208 -14.42 33.34 -7.02
N PHE C 209 -14.36 33.46 -5.70
CA PHE C 209 -15.57 33.36 -4.90
C PHE C 209 -16.49 34.55 -5.17
N TYR C 210 -15.86 35.72 -5.42
CA TYR C 210 -16.59 36.94 -5.74
C TYR C 210 -17.35 36.73 -7.05
N THR C 211 -16.65 36.32 -8.12
CA THR C 211 -17.30 36.11 -9.40
C THR C 211 -18.34 35.01 -9.32
N PHE C 212 -18.12 34.08 -8.42
CA PHE C 212 -19.01 32.94 -8.33
C PHE C 212 -20.32 33.33 -7.67
N VAL C 213 -20.30 34.32 -6.77
CA VAL C 213 -21.51 34.61 -6.01
C VAL C 213 -22.23 35.83 -6.60
N ASN C 214 -21.48 36.78 -7.21
CA ASN C 214 -21.92 37.95 -7.94
C ASN C 214 -22.86 37.60 -9.09
N LYS C 215 -24.14 37.91 -8.89
CA LYS C 215 -25.18 37.70 -9.88
C LYS C 215 -25.04 38.70 -11.04
N SER C 216 -24.69 39.95 -10.79
CA SER C 216 -24.77 40.98 -11.83
C SER C 216 -23.89 40.60 -13.04
N LEU C 217 -22.75 39.99 -12.77
CA LEU C 217 -21.68 39.97 -13.76
C LEU C 217 -21.84 38.73 -14.66
N SER C 218 -22.58 37.70 -14.21
CA SER C 218 -22.94 36.62 -15.15
C SER C 218 -21.72 35.89 -15.74
N VAL C 219 -20.67 35.75 -14.91
CA VAL C 219 -19.53 34.89 -15.25
C VAL C 219 -20.00 33.46 -15.09
N GLU C 220 -19.75 32.61 -16.10
CA GLU C 220 -20.22 31.23 -15.95
C GLU C 220 -19.10 30.31 -15.47
N PHE C 221 -19.46 29.37 -14.59
CA PHE C 221 -18.61 28.29 -14.15
C PHE C 221 -19.25 26.97 -14.56
N PRO C 222 -18.49 25.94 -15.04
CA PRO C 222 -19.02 24.58 -15.24
C PRO C 222 -19.36 23.90 -13.92
N GLU C 223 -20.14 22.83 -14.01
CA GLU C 223 -20.90 22.30 -12.89
C GLU C 223 -19.95 21.66 -11.89
N MET C 224 -18.93 21.04 -12.43
CA MET C 224 -17.73 20.53 -11.80
C MET C 224 -17.12 21.54 -10.81
N LEU C 225 -16.57 22.67 -11.30
CA LEU C 225 -16.10 23.74 -10.42
C LEU C 225 -17.20 24.24 -9.49
N ALA C 226 -18.35 24.59 -10.07
CA ALA C 226 -19.38 25.19 -9.23
C ALA C 226 -19.65 24.33 -8.00
N GLU C 227 -19.63 23.00 -8.10
CA GLU C 227 -19.91 22.18 -6.92
C GLU C 227 -18.72 22.20 -5.96
N ILE C 228 -17.50 22.27 -6.52
CA ILE C 228 -16.27 22.33 -5.74
C ILE C 228 -16.26 23.64 -4.98
N ILE C 229 -16.54 24.73 -5.70
CA ILE C 229 -16.48 26.07 -5.14
C ILE C 229 -17.56 26.23 -4.09
N SER C 230 -18.71 25.62 -4.39
CA SER C 230 -19.87 25.78 -3.54
C SER C 230 -19.63 25.10 -2.18
N ASN C 231 -19.00 23.92 -2.24
CA ASN C 231 -18.67 23.17 -1.01
C ASN C 231 -17.43 23.79 -0.31
N GLN C 232 -16.64 24.60 -1.01
CA GLN C 232 -15.39 25.12 -0.44
C GLN C 232 -15.64 26.44 0.30
N LEU C 233 -16.54 27.25 -0.23
CA LEU C 233 -16.93 28.58 0.26
C LEU C 233 -17.34 28.55 1.75
N PRO C 234 -18.15 27.58 2.21
CA PRO C 234 -18.44 27.45 3.66
C PRO C 234 -17.24 27.12 4.56
N LYS C 235 -16.26 26.39 4.03
CA LYS C 235 -15.12 25.92 4.81
C LYS C 235 -14.12 27.04 5.03
N PHE C 236 -14.10 28.01 4.11
CA PHE C 236 -13.26 29.19 4.20
C PHE C 236 -13.90 30.25 5.08
N LYS C 237 -15.24 30.27 5.06
CA LYS C 237 -16.02 31.08 5.96
C LYS C 237 -15.64 30.69 7.39
N ALA C 238 -15.59 29.38 7.64
CA ALA C 238 -15.36 28.86 8.97
C ALA C 238 -13.88 28.97 9.36
N GLY C 239 -13.00 29.14 8.35
CA GLY C 239 -11.57 29.20 8.56
C GLY C 239 -11.01 27.85 9.07
N SER C 240 -11.61 26.76 8.58
CA SER C 240 -11.24 25.41 8.99
C SER C 240 -10.24 24.79 8.01
N VAL C 241 -9.61 25.64 7.18
CA VAL C 241 -8.69 25.19 6.15
C VAL C 241 -7.27 25.57 6.54
N LYS C 242 -6.36 24.58 6.67
CA LYS C 242 -5.04 24.81 7.25
C LYS C 242 -3.96 24.73 6.18
N PRO C 243 -3.26 25.85 5.91
CA PRO C 243 -2.09 25.84 5.01
C PRO C 243 -0.88 25.15 5.67
N LEU C 244 -0.25 24.16 5.02
CA LEU C 244 1.00 23.59 5.52
C LEU C 244 2.20 24.39 5.02
N LEU C 245 2.95 24.95 5.95
CA LEU C 245 4.05 25.84 5.60
C LEU C 245 5.37 25.22 6.04
N PHE C 246 6.37 25.31 5.15
CA PHE C 246 7.69 24.76 5.44
C PHE C 246 8.40 25.58 6.51
N HIS C 247 8.28 26.91 6.40
CA HIS C 247 8.93 27.86 7.31
C HIS C 247 7.91 28.52 8.26
N ARG D 1 -20.31 17.10 0.25
CA ARG D 1 -19.46 16.50 -0.88
C ARG D 1 -19.91 17.05 -2.23
N PRO D 2 -18.92 17.44 -3.09
CA PRO D 2 -19.15 17.70 -4.50
C PRO D 2 -19.21 16.46 -5.39
N ALA D 3 -20.37 16.38 -6.07
CA ALA D 3 -20.78 15.18 -6.80
C ALA D 3 -19.86 14.85 -7.98
N ILE D 4 -19.49 15.85 -8.79
CA ILE D 4 -18.66 15.52 -9.95
C ILE D 4 -17.28 15.08 -9.46
N LEU D 5 -16.73 15.74 -8.43
CA LEU D 5 -15.38 15.40 -8.01
C LEU D 5 -15.38 13.96 -7.50
N TYR D 6 -16.45 13.65 -6.75
CA TYR D 6 -16.67 12.33 -6.20
C TYR D 6 -16.76 11.26 -7.28
N ALA D 7 -17.52 11.56 -8.32
CA ALA D 7 -17.77 10.61 -9.41
C ALA D 7 -16.49 10.42 -10.20
N LEU D 8 -15.64 11.45 -10.26
CA LEU D 8 -14.44 11.31 -11.06
C LEU D 8 -13.43 10.40 -10.38
N LEU D 9 -13.43 10.40 -9.03
CA LEU D 9 -12.45 9.65 -8.27
C LEU D 9 -12.90 8.20 -8.14
N SER D 10 -14.21 7.99 -7.94
CA SER D 10 -14.62 6.71 -7.34
C SER D 10 -14.88 5.66 -8.41
N SER D 11 -15.18 6.16 -9.60
CA SER D 11 -15.04 5.45 -10.85
C SER D 11 -13.57 5.62 -11.27
N PHE E 1 0.89 5.11 -15.28
CA PHE E 1 0.29 5.11 -16.68
C PHE E 1 1.00 4.12 -17.63
N PRO E 2 2.29 3.75 -17.44
CA PRO E 2 2.84 2.59 -18.16
C PRO E 2 2.14 1.39 -17.55
N THR E 3 1.69 0.47 -18.40
CA THR E 3 0.92 -0.69 -17.96
C THR E 3 1.74 -1.48 -16.95
N LEU E 4 1.04 -2.25 -16.10
CA LEU E 4 1.59 -3.27 -15.22
C LEU E 4 2.52 -4.21 -15.99
N ILE E 5 2.10 -4.59 -17.19
CA ILE E 5 2.81 -5.61 -17.93
C ILE E 5 4.18 -5.08 -18.35
N SER E 6 4.26 -3.77 -18.59
CA SER E 6 5.49 -3.18 -19.08
C SER E 6 6.43 -2.96 -17.91
N LEU E 7 5.87 -2.74 -16.71
CA LEU E 7 6.72 -2.73 -15.52
C LEU E 7 7.29 -4.12 -15.24
N LEU E 8 6.45 -5.15 -15.27
CA LEU E 8 6.96 -6.48 -15.02
C LEU E 8 8.12 -6.77 -15.98
N GLU E 9 7.97 -6.30 -17.23
CA GLU E 9 9.00 -6.46 -18.25
C GLU E 9 10.33 -5.88 -17.78
N VAL E 10 10.30 -4.75 -17.06
CA VAL E 10 11.55 -4.03 -16.83
C VAL E 10 12.15 -4.39 -15.48
N ILE E 11 11.36 -5.04 -14.61
CA ILE E 11 11.92 -5.47 -13.34
C ILE E 11 12.37 -6.93 -13.45
N GLU E 12 12.09 -7.58 -14.58
CA GLU E 12 12.51 -8.96 -14.80
C GLU E 12 14.04 -8.99 -14.67
N PRO E 13 14.60 -9.77 -13.71
CA PRO E 13 16.02 -9.71 -13.35
C PRO E 13 16.97 -10.06 -14.48
N GLU E 14 18.11 -9.38 -14.46
CA GLU E 14 19.21 -9.67 -15.35
C GLU E 14 19.82 -11.01 -14.95
N VAL E 15 20.05 -11.85 -15.96
CA VAL E 15 20.48 -13.21 -15.76
C VAL E 15 21.78 -13.22 -14.95
N LEU E 16 21.86 -14.14 -14.00
CA LEU E 16 23.08 -14.32 -13.24
C LEU E 16 24.00 -15.26 -13.98
N TYR E 17 25.27 -15.26 -13.53
CA TYR E 17 26.37 -15.94 -14.18
C TYR E 17 26.88 -16.99 -13.21
N SER E 18 27.19 -18.20 -13.70
CA SER E 18 27.67 -19.25 -12.80
C SER E 18 29.18 -19.23 -12.64
N GLY E 19 29.88 -19.00 -13.76
CA GLY E 19 31.34 -19.00 -13.73
C GLY E 19 31.91 -20.42 -13.73
N TYR E 20 31.11 -21.38 -14.22
CA TYR E 20 31.44 -22.79 -14.13
C TYR E 20 32.57 -23.09 -15.11
N ASP E 21 33.59 -23.73 -14.54
CA ASP E 21 34.81 -24.04 -15.26
C ASP E 21 34.78 -25.47 -15.78
N SER E 22 34.27 -25.71 -16.99
CA SER E 22 34.05 -27.07 -17.48
C SER E 22 35.36 -27.61 -18.07
N THR E 23 36.44 -26.93 -17.67
CA THR E 23 37.80 -27.30 -17.93
C THR E 23 38.18 -28.44 -16.99
N LEU E 24 37.66 -28.43 -15.76
CA LEU E 24 37.82 -29.54 -14.82
C LEU E 24 36.80 -30.66 -15.10
N PRO E 25 37.02 -31.92 -14.65
CA PRO E 25 36.11 -33.03 -14.96
C PRO E 25 34.75 -32.83 -14.31
N ASP E 26 33.68 -33.17 -15.05
CA ASP E 26 32.34 -32.93 -14.52
C ASP E 26 31.98 -34.08 -13.58
N THR E 27 31.52 -33.73 -12.38
CA THR E 27 31.01 -34.76 -11.50
C THR E 27 29.66 -34.29 -10.96
N SER E 28 28.88 -35.23 -10.42
CA SER E 28 27.52 -34.89 -10.04
C SER E 28 27.54 -34.01 -8.78
N THR E 29 28.43 -34.31 -7.82
CA THR E 29 28.55 -33.49 -6.63
C THR E 29 28.91 -32.03 -6.97
N ARG E 30 29.96 -31.82 -7.76
CA ARG E 30 30.38 -30.52 -8.26
C ARG E 30 29.23 -29.79 -9.01
N LEU E 31 28.66 -30.43 -10.00
CA LEU E 31 27.56 -29.82 -10.72
C LEU E 31 26.37 -29.42 -9.82
N MET E 32 26.01 -30.21 -8.80
CA MET E 32 24.90 -29.86 -7.92
C MET E 32 25.23 -28.68 -7.03
N SER E 33 26.46 -28.70 -6.49
CA SER E 33 27.00 -27.60 -5.74
C SER E 33 27.07 -26.30 -6.57
N THR E 34 27.42 -26.40 -7.85
CA THR E 34 27.35 -25.25 -8.75
C THR E 34 25.91 -24.78 -8.97
N LEU E 35 24.94 -25.69 -9.03
CA LEU E 35 23.57 -25.26 -9.28
C LEU E 35 23.09 -24.49 -8.08
N ASN E 36 23.44 -24.97 -6.90
CA ASN E 36 23.00 -24.38 -5.67
C ASN E 36 23.64 -23.00 -5.45
N ARG E 37 24.91 -22.84 -5.82
CA ARG E 37 25.60 -21.56 -5.80
C ARG E 37 24.94 -20.65 -6.84
N LEU E 38 24.65 -21.17 -8.02
CA LEU E 38 23.97 -20.27 -8.91
C LEU E 38 22.61 -19.90 -8.31
N GLY E 39 22.03 -20.84 -7.56
CA GLY E 39 20.67 -20.70 -7.06
C GLY E 39 20.56 -19.68 -5.96
N GLY E 40 21.57 -19.66 -5.07
CA GLY E 40 21.55 -18.76 -3.92
C GLY E 40 21.50 -17.29 -4.37
N ARG E 41 22.17 -17.08 -5.51
CA ARG E 41 22.36 -15.76 -6.09
C ARG E 41 21.08 -15.37 -6.85
N GLN E 42 20.53 -16.31 -7.62
CA GLN E 42 19.26 -16.12 -8.30
C GLN E 42 18.20 -15.73 -7.28
N VAL E 43 18.23 -16.38 -6.12
CA VAL E 43 17.28 -16.01 -5.10
C VAL E 43 17.48 -14.57 -4.59
N VAL E 44 18.73 -14.09 -4.43
CA VAL E 44 19.01 -12.70 -4.05
C VAL E 44 18.36 -11.82 -5.11
N SER E 45 18.57 -12.13 -6.38
CA SER E 45 17.99 -11.40 -7.49
C SER E 45 16.46 -11.38 -7.39
N ALA E 46 15.88 -12.48 -6.86
CA ALA E 46 14.44 -12.60 -6.81
C ALA E 46 13.89 -11.84 -5.61
N VAL E 47 14.76 -11.51 -4.65
CA VAL E 47 14.27 -10.72 -3.54
C VAL E 47 14.08 -9.28 -4.01
N LYS E 48 14.99 -8.84 -4.87
CA LYS E 48 15.01 -7.49 -5.35
C LYS E 48 13.79 -7.34 -6.25
N TRP E 49 13.55 -8.36 -7.08
CA TRP E 49 12.39 -8.40 -7.97
C TRP E 49 11.09 -8.34 -7.18
N ALA E 50 11.02 -9.10 -6.10
CA ALA E 50 9.76 -9.09 -5.36
C ALA E 50 9.54 -7.73 -4.71
N LYS E 51 10.64 -7.10 -4.27
CA LYS E 51 10.54 -5.86 -3.52
C LYS E 51 9.99 -4.78 -4.45
N ALA E 52 10.48 -4.78 -5.70
CA ALA E 52 10.05 -3.84 -6.72
C ALA E 52 8.70 -4.24 -7.31
N LEU E 53 8.01 -5.21 -6.70
CA LEU E 53 6.79 -5.72 -7.33
C LEU E 53 5.60 -4.89 -6.86
N PRO E 54 4.88 -4.18 -7.77
CA PRO E 54 3.70 -3.43 -7.34
C PRO E 54 2.87 -4.34 -6.43
N GLY E 55 2.73 -3.88 -5.18
CA GLY E 55 1.84 -4.46 -4.21
C GLY E 55 2.58 -5.30 -3.18
N PHE E 56 3.75 -5.81 -3.57
CA PHE E 56 4.31 -6.85 -2.73
C PHE E 56 4.67 -6.28 -1.35
N ARG E 57 5.20 -5.05 -1.37
CA ARG E 57 5.63 -4.33 -0.17
C ARG E 57 4.48 -4.05 0.79
N ASN E 58 3.22 -4.22 0.38
CA ASN E 58 2.07 -3.88 1.22
C ASN E 58 1.69 -5.03 2.16
N LEU E 59 2.32 -6.19 1.97
CA LEU E 59 2.14 -7.29 2.91
C LEU E 59 2.98 -7.03 4.16
N HIS E 60 2.59 -7.69 5.26
CA HIS E 60 3.43 -7.72 6.45
C HIS E 60 4.70 -8.49 6.14
N LEU E 61 5.75 -8.15 6.87
CA LEU E 61 7.06 -8.73 6.66
C LEU E 61 6.99 -10.22 7.02
N ASP E 62 6.12 -10.67 7.88
CA ASP E 62 6.15 -12.11 8.11
C ASP E 62 5.64 -12.82 6.87
N ASP E 63 4.71 -12.17 6.18
CA ASP E 63 4.12 -12.67 4.95
C ASP E 63 5.13 -12.60 3.80
N GLN E 64 5.81 -11.48 3.66
CA GLN E 64 6.76 -11.38 2.55
C GLN E 64 7.80 -12.48 2.67
N MET E 65 8.21 -12.72 3.93
CA MET E 65 9.17 -13.76 4.20
C MET E 65 8.60 -15.16 3.90
N THR E 66 7.36 -15.40 4.34
CA THR E 66 6.80 -16.74 4.24
C THR E 66 6.69 -17.13 2.76
N LEU E 67 6.40 -16.13 1.94
CA LEU E 67 6.00 -16.36 0.55
C LEU E 67 7.24 -16.61 -0.27
N LEU E 68 8.33 -15.90 0.05
CA LEU E 68 9.56 -16.15 -0.71
C LEU E 68 10.17 -17.49 -0.31
N GLN E 69 10.10 -17.81 0.99
CA GLN E 69 10.58 -19.07 1.51
C GLN E 69 9.87 -20.23 0.85
N TYR E 70 8.55 -20.12 0.75
CA TYR E 70 7.72 -21.21 0.22
C TYR E 70 7.66 -21.23 -1.30
N SER E 71 8.20 -20.23 -2.03
CA SER E 71 8.02 -20.32 -3.49
C SER E 71 9.30 -20.15 -4.29
N TRP E 72 10.46 -20.19 -3.67
CA TRP E 72 11.69 -19.79 -4.32
C TRP E 72 12.01 -20.80 -5.44
N MET E 73 11.74 -22.06 -5.10
CA MET E 73 12.07 -23.15 -6.00
C MET E 73 11.13 -23.13 -7.18
N SER E 74 9.86 -22.81 -6.91
CA SER E 74 8.86 -22.63 -7.96
C SER E 74 9.22 -21.45 -8.84
N LEU E 75 9.62 -20.32 -8.25
CA LEU E 75 10.15 -19.25 -9.11
C LEU E 75 11.35 -19.66 -9.95
N MET E 76 12.34 -20.31 -9.36
CA MET E 76 13.53 -20.60 -10.14
C MET E 76 13.29 -21.69 -11.16
N ALA E 77 12.46 -22.68 -10.85
CA ALA E 77 12.17 -23.73 -11.83
C ALA E 77 11.35 -23.16 -12.98
N PHE E 78 10.45 -22.21 -12.66
CA PHE E 78 9.60 -21.66 -13.73
C PHE E 78 10.47 -20.87 -14.70
N SER E 79 11.39 -20.04 -14.17
CA SER E 79 12.27 -19.20 -14.99
C SER E 79 13.27 -20.07 -15.77
N LEU E 80 13.81 -21.09 -15.13
CA LEU E 80 14.65 -22.04 -15.83
C LEU E 80 13.89 -22.68 -16.98
N GLY E 81 12.62 -23.07 -16.76
CA GLY E 81 11.75 -23.62 -17.80
C GLY E 81 11.56 -22.66 -18.98
N TRP E 82 11.39 -21.38 -18.67
CA TRP E 82 11.34 -20.36 -19.69
C TRP E 82 12.64 -20.27 -20.47
N ARG E 83 13.77 -20.01 -19.75
CA ARG E 83 15.08 -19.86 -20.34
C ARG E 83 15.37 -21.01 -21.28
N SER E 84 15.03 -22.24 -20.87
CA SER E 84 15.27 -23.41 -21.71
C SER E 84 14.35 -23.40 -22.92
N TYR E 85 13.18 -22.79 -22.77
CA TYR E 85 12.20 -22.76 -23.86
C TYR E 85 12.68 -21.75 -24.90
N LYS E 86 12.98 -20.54 -24.45
CA LYS E 86 13.42 -19.51 -25.36
C LYS E 86 14.75 -19.88 -26.00
N GLN E 87 15.78 -20.09 -25.18
CA GLN E 87 17.17 -20.10 -25.63
C GLN E 87 17.53 -21.40 -26.34
N SER E 88 16.74 -22.49 -26.14
CA SER E 88 17.08 -23.78 -26.72
C SER E 88 15.85 -24.55 -27.19
N ASN E 89 14.70 -23.87 -27.25
CA ASN E 89 13.43 -24.50 -27.60
C ASN E 89 13.12 -25.77 -26.81
N GLY E 90 13.55 -25.82 -25.53
CA GLY E 90 13.12 -26.84 -24.60
C GLY E 90 13.91 -28.13 -24.73
N ASN E 91 15.08 -28.06 -25.36
CA ASN E 91 15.87 -29.24 -25.66
C ASN E 91 16.83 -29.55 -24.52
N MET E 92 17.34 -28.47 -23.91
CA MET E 92 18.40 -28.54 -22.91
C MET E 92 18.08 -27.55 -21.79
N LEU E 93 18.42 -27.91 -20.54
CA LEU E 93 18.26 -27.01 -19.42
C LEU E 93 19.28 -25.89 -19.51
N CYS E 94 18.80 -24.65 -19.63
CA CYS E 94 19.67 -23.51 -19.79
C CYS E 94 19.71 -22.74 -18.49
N PHE E 95 20.63 -23.11 -17.60
CA PHE E 95 20.62 -22.66 -16.24
C PHE E 95 21.24 -21.27 -16.23
N ALA E 96 22.30 -21.14 -17.04
CA ALA E 96 22.96 -19.87 -17.24
C ALA E 96 23.55 -19.97 -18.62
N PRO E 97 24.11 -18.87 -19.19
CA PRO E 97 24.70 -18.91 -20.53
C PRO E 97 25.95 -19.80 -20.57
N ASP E 98 26.69 -19.79 -19.44
CA ASP E 98 27.89 -20.55 -19.19
C ASP E 98 27.60 -21.87 -18.47
N LEU E 99 26.33 -22.34 -18.41
CA LEU E 99 26.00 -23.61 -17.78
C LEU E 99 24.76 -24.23 -18.41
N VAL E 100 24.95 -25.21 -19.29
CA VAL E 100 23.84 -25.88 -19.94
C VAL E 100 23.94 -27.36 -19.62
N ILE E 101 22.85 -28.12 -19.81
CA ILE E 101 22.97 -29.50 -19.42
C ILE E 101 22.84 -30.42 -20.64
N ASN E 102 24.00 -30.89 -21.11
CA ASN E 102 24.12 -31.84 -22.19
C ASN E 102 24.18 -33.26 -21.62
N GLU E 103 23.68 -34.19 -22.43
CA GLU E 103 23.70 -35.62 -22.13
C GLU E 103 25.04 -36.14 -22.58
N GLU E 104 26.03 -35.49 -21.99
CA GLU E 104 27.11 -36.16 -21.33
C GLU E 104 26.76 -36.02 -19.87
N ARG E 105 26.42 -34.76 -19.53
CA ARG E 105 26.32 -34.46 -18.12
C ARG E 105 24.95 -34.77 -17.58
N MET E 106 24.06 -35.26 -18.43
CA MET E 106 22.80 -35.78 -17.92
C MET E 106 23.00 -37.23 -17.53
N GLN E 107 24.05 -37.82 -18.10
CA GLN E 107 24.27 -39.25 -17.94
C GLN E 107 24.91 -39.48 -16.58
N LEU E 108 25.42 -38.41 -15.96
CA LEU E 108 26.12 -38.53 -14.70
C LEU E 108 25.14 -38.98 -13.61
N PRO E 109 25.63 -39.69 -12.56
CA PRO E 109 24.81 -40.19 -11.46
C PRO E 109 23.99 -39.09 -10.78
N TYR E 110 22.70 -39.37 -10.52
CA TYR E 110 21.78 -38.48 -9.83
C TYR E 110 21.19 -37.46 -10.79
N MET E 111 21.69 -37.40 -12.02
CA MET E 111 21.37 -36.18 -12.76
C MET E 111 20.14 -36.38 -13.62
N TYR E 112 20.04 -37.57 -14.20
CA TYR E 112 19.04 -37.80 -15.23
C TYR E 112 17.68 -37.42 -14.68
N ASP E 113 17.32 -38.03 -13.55
CA ASP E 113 15.94 -37.94 -13.08
C ASP E 113 15.62 -36.47 -12.84
N GLN E 114 16.49 -35.80 -12.06
CA GLN E 114 16.17 -34.45 -11.64
C GLN E 114 16.12 -33.56 -12.89
N CYS E 115 16.88 -33.89 -13.94
CA CYS E 115 16.87 -33.03 -15.11
C CYS E 115 15.63 -33.28 -15.97
N GLN E 116 15.09 -34.49 -15.86
CA GLN E 116 13.89 -34.82 -16.60
C GLN E 116 12.71 -34.02 -16.04
N GLN E 117 12.59 -34.00 -14.70
CA GLN E 117 11.51 -33.26 -14.03
C GLN E 117 11.57 -31.79 -14.46
N MET E 118 12.79 -31.22 -14.45
CA MET E 118 12.92 -29.83 -14.86
C MET E 118 12.57 -29.63 -16.33
N LEU E 119 12.93 -30.57 -17.21
CA LEU E 119 12.65 -30.39 -18.64
C LEU E 119 11.13 -30.42 -18.90
N LYS E 120 10.41 -31.20 -18.07
CA LYS E 120 8.96 -31.34 -18.12
C LYS E 120 8.29 -29.97 -18.12
N ILE E 121 8.72 -29.10 -17.20
CA ILE E 121 8.26 -27.73 -17.09
C ILE E 121 8.52 -27.02 -18.40
N SER E 122 9.69 -27.31 -18.96
CA SER E 122 10.12 -26.65 -20.19
C SER E 122 9.18 -27.02 -21.34
N SER E 123 8.72 -28.27 -21.35
CA SER E 123 8.00 -28.78 -22.50
C SER E 123 6.53 -28.35 -22.44
N GLU E 124 6.05 -28.02 -21.23
CA GLU E 124 4.74 -27.40 -21.05
C GLU E 124 4.68 -26.03 -21.72
N PHE E 125 5.79 -25.27 -21.61
CA PHE E 125 5.88 -24.00 -22.31
C PHE E 125 5.80 -24.24 -23.82
N VAL E 126 6.30 -25.40 -24.26
CA VAL E 126 6.41 -25.74 -25.66
C VAL E 126 5.02 -26.14 -26.16
N ARG E 127 4.34 -26.98 -25.36
CA ARG E 127 3.00 -27.39 -25.67
C ARG E 127 2.08 -26.18 -25.85
N LEU E 128 2.09 -25.25 -24.89
CA LEU E 128 1.05 -24.24 -24.87
C LEU E 128 1.49 -23.00 -25.63
N GLN E 129 2.77 -22.93 -26.00
CA GLN E 129 3.32 -21.85 -26.78
C GLN E 129 3.13 -20.56 -25.98
N VAL E 130 3.46 -20.65 -24.68
CA VAL E 130 3.32 -19.54 -23.75
C VAL E 130 4.01 -18.29 -24.31
N SER E 131 3.41 -17.11 -24.05
CA SER E 131 3.99 -15.84 -24.40
C SER E 131 4.90 -15.38 -23.27
N TYR E 132 5.72 -14.36 -23.55
CA TYR E 132 6.55 -13.74 -22.52
C TYR E 132 5.67 -13.12 -21.45
N ASP E 133 4.54 -12.58 -21.91
CA ASP E 133 3.73 -11.78 -21.02
C ASP E 133 2.90 -12.71 -20.15
N GLU E 134 2.52 -13.84 -20.76
CA GLU E 134 1.81 -14.88 -20.06
C GLU E 134 2.70 -15.35 -18.90
N TYR E 135 3.98 -15.55 -19.23
CA TYR E 135 4.98 -16.12 -18.34
C TYR E 135 5.18 -15.18 -17.16
N LEU E 136 5.27 -13.89 -17.44
CA LEU E 136 5.55 -12.92 -16.40
C LEU E 136 4.42 -12.87 -15.38
N CYS E 137 3.17 -13.05 -15.82
CA CYS E 137 2.08 -12.83 -14.89
C CYS E 137 1.94 -14.11 -14.11
N MET E 138 2.17 -15.21 -14.86
CA MET E 138 2.15 -16.51 -14.22
C MET E 138 3.21 -16.55 -13.11
N LYS E 139 4.35 -15.89 -13.33
CA LYS E 139 5.46 -16.04 -12.39
C LYS E 139 5.11 -15.30 -11.11
N VAL E 140 4.52 -14.12 -11.27
CA VAL E 140 3.99 -13.43 -10.09
C VAL E 140 2.99 -14.31 -9.34
N LEU E 141 2.15 -15.03 -10.06
CA LEU E 141 1.11 -15.73 -9.31
C LEU E 141 1.77 -16.91 -8.60
N LEU E 142 2.91 -17.39 -9.14
CA LEU E 142 3.68 -18.43 -8.46
C LEU E 142 4.14 -17.93 -7.09
N LEU E 143 4.60 -16.68 -7.03
CA LEU E 143 5.07 -16.14 -5.77
C LEU E 143 3.95 -16.20 -4.73
N LEU E 144 2.70 -16.13 -5.19
CA LEU E 144 1.57 -15.98 -4.29
C LEU E 144 0.83 -17.30 -4.14
N SER E 145 1.47 -18.44 -4.40
CA SER E 145 0.77 -19.70 -4.58
C SER E 145 0.92 -20.71 -3.44
N THR E 146 1.78 -20.44 -2.46
CA THR E 146 2.01 -21.40 -1.39
C THR E 146 1.92 -20.68 -0.05
N VAL E 147 1.09 -21.18 0.84
CA VAL E 147 0.83 -20.50 2.11
C VAL E 147 0.83 -21.52 3.24
N PRO E 148 0.94 -21.07 4.50
CA PRO E 148 0.74 -21.95 5.67
C PRO E 148 -0.73 -22.28 5.90
N LYS E 149 -1.01 -23.49 6.37
CA LYS E 149 -2.39 -23.93 6.54
C LYS E 149 -3.13 -23.04 7.54
N ASP E 150 -2.39 -22.48 8.50
CA ASP E 150 -2.90 -21.53 9.49
C ASP E 150 -3.14 -20.17 8.84
N GLY E 151 -2.87 -20.06 7.53
CA GLY E 151 -3.03 -18.81 6.80
C GLY E 151 -2.01 -17.75 7.19
N LEU E 152 -2.07 -16.61 6.50
CA LEU E 152 -1.08 -15.57 6.68
C LEU E 152 -1.60 -14.61 7.74
N LYS E 153 -0.72 -13.69 8.14
CA LYS E 153 -1.07 -12.55 8.95
C LYS E 153 -1.97 -11.61 8.12
N SER E 154 -1.45 -11.04 7.03
CA SER E 154 -2.19 -9.98 6.33
C SER E 154 -2.97 -10.49 5.12
N GLN E 155 -3.91 -11.41 5.38
CA GLN E 155 -4.65 -12.14 4.36
C GLN E 155 -5.38 -11.19 3.42
N ALA E 156 -5.77 -10.01 3.92
CA ALA E 156 -6.65 -9.13 3.15
C ALA E 156 -5.90 -8.53 1.99
N VAL E 157 -4.72 -7.93 2.26
CA VAL E 157 -3.87 -7.33 1.24
C VAL E 157 -3.48 -8.39 0.19
N PHE E 158 -3.36 -9.64 0.67
CA PHE E 158 -2.90 -10.79 -0.08
C PHE E 158 -3.90 -11.17 -1.16
N ASP E 159 -5.17 -11.25 -0.74
CA ASP E 159 -6.27 -11.60 -1.61
C ASP E 159 -6.44 -10.59 -2.77
N GLU E 160 -6.04 -9.34 -2.56
CA GLU E 160 -6.23 -8.27 -3.53
C GLU E 160 -5.06 -8.24 -4.52
N ILE E 161 -3.89 -8.68 -4.01
CA ILE E 161 -2.68 -8.80 -4.82
C ILE E 161 -2.91 -9.96 -5.78
N ARG E 162 -3.49 -11.06 -5.31
CA ARG E 162 -3.76 -12.14 -6.25
C ARG E 162 -4.77 -11.67 -7.30
N MET E 163 -5.69 -10.78 -6.89
CA MET E 163 -6.82 -10.40 -7.74
C MET E 163 -6.33 -9.60 -8.94
N THR E 164 -5.49 -8.61 -8.62
CA THR E 164 -4.74 -7.82 -9.58
C THR E 164 -4.06 -8.68 -10.64
N TYR E 165 -3.28 -9.69 -10.21
CA TYR E 165 -2.39 -10.35 -11.16
C TYR E 165 -3.16 -11.39 -11.95
N ILE E 166 -4.27 -11.84 -11.36
CA ILE E 166 -5.18 -12.71 -12.11
C ILE E 166 -5.74 -11.92 -13.30
N LYS E 167 -6.07 -10.64 -13.10
CA LYS E 167 -6.64 -9.84 -14.17
C LYS E 167 -5.57 -9.66 -15.26
N GLU E 168 -4.32 -9.54 -14.79
CA GLU E 168 -3.17 -9.18 -15.58
C GLU E 168 -2.83 -10.31 -16.53
N LEU E 169 -3.00 -11.52 -16.04
CA LEU E 169 -2.75 -12.70 -16.83
C LEU E 169 -3.86 -12.78 -17.89
N GLY E 170 -5.08 -12.45 -17.45
CA GLY E 170 -6.23 -12.27 -18.32
C GLY E 170 -5.91 -11.41 -19.54
N LYS E 171 -5.47 -10.19 -19.28
CA LYS E 171 -4.96 -9.27 -20.26
C LYS E 171 -3.92 -9.91 -21.15
N ALA E 172 -3.03 -10.72 -20.56
CA ALA E 172 -1.83 -11.12 -21.25
C ALA E 172 -2.24 -12.11 -22.32
N ILE E 173 -3.27 -12.88 -21.97
CA ILE E 173 -3.87 -13.76 -22.96
C ILE E 173 -4.35 -12.98 -24.20
N VAL E 174 -4.99 -11.82 -24.01
CA VAL E 174 -5.62 -11.10 -25.12
C VAL E 174 -4.56 -10.40 -25.97
N LYS E 175 -3.64 -9.70 -25.32
CA LYS E 175 -2.55 -8.97 -25.97
C LYS E 175 -1.69 -9.98 -26.72
N ARG E 176 -2.34 -11.08 -27.14
CA ARG E 176 -1.61 -12.09 -27.90
C ARG E 176 -2.35 -12.51 -29.18
N ASN E 183 -11.78 -17.30 -26.78
CA ASN E 183 -10.43 -17.93 -26.50
C ASN E 183 -10.36 -18.35 -25.05
N TRP E 184 -11.01 -17.58 -24.15
CA TRP E 184 -11.09 -17.97 -22.77
C TRP E 184 -10.43 -19.34 -22.60
N GLN E 185 -10.44 -20.28 -23.58
CA GLN E 185 -9.87 -21.58 -23.27
C GLN E 185 -8.42 -21.44 -22.76
N ARG E 186 -7.80 -20.33 -23.18
CA ARG E 186 -6.44 -20.00 -22.83
C ARG E 186 -6.29 -19.93 -21.31
N PHE E 187 -7.19 -19.21 -20.64
CA PHE E 187 -7.17 -19.00 -19.21
C PHE E 187 -7.23 -20.33 -18.50
N TYR E 188 -8.09 -21.20 -19.03
CA TYR E 188 -8.20 -22.49 -18.39
C TYR E 188 -6.82 -23.16 -18.43
N GLN E 189 -6.14 -22.99 -19.55
CA GLN E 189 -5.01 -23.85 -19.84
C GLN E 189 -3.86 -23.40 -18.94
N LEU E 190 -3.69 -22.06 -18.85
CA LEU E 190 -2.62 -21.46 -18.09
C LEU E 190 -2.80 -21.72 -16.59
N THR E 191 -4.05 -21.73 -16.12
CA THR E 191 -4.22 -21.87 -14.69
C THR E 191 -4.01 -23.32 -14.31
N LYS E 192 -4.15 -24.22 -15.30
CA LYS E 192 -3.89 -25.62 -15.00
C LYS E 192 -2.39 -25.86 -15.03
N LEU E 193 -1.71 -25.05 -15.85
CA LEU E 193 -0.25 -25.09 -15.88
C LEU E 193 0.28 -24.64 -14.52
N LEU E 194 -0.37 -23.61 -13.94
CA LEU E 194 0.02 -23.15 -12.62
C LEU E 194 -0.20 -24.23 -11.59
N ASP E 195 -1.30 -24.98 -11.77
CA ASP E 195 -1.66 -26.00 -10.81
C ASP E 195 -0.65 -27.12 -10.91
N SER E 196 -0.21 -27.43 -12.12
CA SER E 196 0.66 -28.59 -12.24
C SER E 196 2.09 -28.30 -11.74
N MET E 197 2.40 -27.00 -11.60
CA MET E 197 3.71 -26.57 -11.11
C MET E 197 3.98 -27.05 -9.67
N HIS E 198 2.96 -27.11 -8.85
CA HIS E 198 3.15 -27.61 -7.51
C HIS E 198 3.58 -29.06 -7.50
N GLU E 199 3.14 -29.88 -8.46
CA GLU E 199 3.44 -31.29 -8.36
C GLU E 199 4.86 -31.50 -8.89
N MET E 200 5.16 -30.83 -10.00
CA MET E 200 6.43 -30.90 -10.69
C MET E 200 7.58 -30.42 -9.79
N VAL E 201 7.30 -29.46 -8.89
CA VAL E 201 8.27 -28.81 -8.02
C VAL E 201 8.32 -29.47 -6.65
N GLY E 202 7.25 -30.19 -6.24
CA GLY E 202 7.34 -31.05 -5.06
C GLY E 202 8.47 -32.06 -5.22
N GLY E 203 8.64 -32.56 -6.44
CA GLY E 203 9.69 -33.54 -6.72
C GLY E 203 11.09 -32.93 -6.69
N LEU E 204 11.25 -31.71 -7.20
CA LEU E 204 12.55 -31.04 -7.09
C LEU E 204 12.78 -30.65 -5.64
N LEU E 205 11.74 -30.22 -4.95
CA LEU E 205 11.94 -29.96 -3.52
C LEU E 205 12.42 -31.20 -2.84
N GLN E 206 11.89 -32.36 -3.25
CA GLN E 206 12.18 -33.55 -2.47
C GLN E 206 13.65 -33.87 -2.69
N PHE E 207 14.09 -33.73 -3.94
CA PHE E 207 15.46 -34.00 -4.26
C PHE E 207 16.38 -32.97 -3.61
N CYS E 208 15.92 -31.71 -3.53
CA CYS E 208 16.68 -30.70 -2.85
C CYS E 208 16.95 -31.11 -1.39
N PHE E 209 15.90 -31.54 -0.73
CA PHE E 209 15.97 -31.88 0.67
C PHE E 209 16.86 -33.10 0.90
N TYR E 210 16.82 -34.03 -0.07
CA TYR E 210 17.65 -35.21 -0.06
C TYR E 210 19.13 -34.79 -0.11
N THR E 211 19.50 -34.01 -1.12
CA THR E 211 20.90 -33.57 -1.26
C THR E 211 21.32 -32.72 -0.06
N PHE E 212 20.35 -32.04 0.53
CA PHE E 212 20.67 -31.16 1.64
C PHE E 212 20.98 -31.93 2.91
N VAL E 213 20.39 -33.12 3.07
CA VAL E 213 20.58 -33.86 4.29
C VAL E 213 21.67 -34.93 4.14
N ASN E 214 21.81 -35.52 2.96
CA ASN E 214 22.70 -36.64 2.62
C ASN E 214 24.18 -36.32 2.82
N LYS E 215 24.80 -36.99 3.78
CA LYS E 215 26.22 -36.88 4.05
C LYS E 215 27.12 -37.38 2.91
N SER E 216 26.79 -38.52 2.31
CA SER E 216 27.68 -39.18 1.35
C SER E 216 28.07 -38.23 0.20
N LEU E 217 27.07 -37.46 -0.25
CA LEU E 217 27.16 -36.79 -1.53
C LEU E 217 27.92 -35.46 -1.42
N SER E 218 28.00 -34.87 -0.22
CA SER E 218 28.85 -33.70 -0.01
C SER E 218 28.47 -32.47 -0.87
N VAL E 219 27.20 -32.33 -1.31
CA VAL E 219 26.71 -31.20 -2.09
C VAL E 219 26.80 -29.94 -1.23
N GLU E 220 27.38 -28.87 -1.79
CA GLU E 220 27.42 -27.64 -1.00
C GLU E 220 26.24 -26.73 -1.36
N PHE E 221 25.70 -26.05 -0.35
CA PHE E 221 24.67 -25.03 -0.49
C PHE E 221 25.21 -23.70 0.03
N PRO E 222 24.96 -22.52 -0.60
CA PRO E 222 25.35 -21.22 0.00
C PRO E 222 24.47 -20.88 1.19
N GLU E 223 24.92 -19.93 2.03
CA GLU E 223 24.39 -19.78 3.39
C GLU E 223 22.94 -19.30 3.33
N MET E 224 22.68 -18.42 2.37
CA MET E 224 21.35 -17.97 1.94
C MET E 224 20.35 -19.14 1.79
N LEU E 225 20.55 -20.01 0.80
CA LEU E 225 19.74 -21.22 0.65
C LEU E 225 19.74 -22.09 1.90
N ALA E 226 20.94 -22.41 2.40
CA ALA E 226 21.02 -23.33 3.52
C ALA E 226 20.07 -22.92 4.65
N GLU E 227 19.97 -21.60 4.92
CA GLU E 227 19.12 -21.20 6.05
C GLU E 227 17.63 -21.31 5.67
N ILE E 228 17.34 -21.03 4.38
CA ILE E 228 15.99 -21.08 3.85
C ILE E 228 15.55 -22.54 3.87
N ILE E 229 16.40 -23.42 3.37
CA ILE E 229 16.06 -24.83 3.25
C ILE E 229 15.93 -25.44 4.62
N SER E 230 16.78 -24.97 5.54
CA SER E 230 16.79 -25.56 6.86
C SER E 230 15.50 -25.23 7.60
N ASN E 231 15.04 -23.98 7.46
CA ASN E 231 13.78 -23.54 8.03
C ASN E 231 12.56 -24.12 7.28
N GLN E 232 12.73 -24.52 6.02
CA GLN E 232 11.57 -24.93 5.21
C GLN E 232 11.23 -26.41 5.42
N LEU E 233 12.31 -27.21 5.52
CA LEU E 233 12.29 -28.67 5.59
C LEU E 233 11.42 -29.17 6.75
N PRO E 234 11.45 -28.59 7.97
CA PRO E 234 10.50 -29.02 9.03
C PRO E 234 9.02 -28.79 8.73
N LYS E 235 8.69 -27.74 7.98
CA LYS E 235 7.30 -27.34 7.78
C LYS E 235 6.66 -28.22 6.72
N PHE E 236 7.49 -28.75 5.81
CA PHE E 236 7.05 -29.65 4.77
C PHE E 236 6.98 -31.08 5.27
N LYS E 237 7.85 -31.38 6.22
CA LYS E 237 7.82 -32.63 6.97
C LYS E 237 6.45 -32.75 7.63
N ALA E 238 6.00 -31.65 8.27
CA ALA E 238 4.74 -31.67 9.00
C ALA E 238 3.54 -31.60 8.05
N GLY E 239 3.78 -31.15 6.81
CA GLY E 239 2.74 -31.01 5.79
C GLY E 239 1.77 -29.90 6.17
N SER E 240 2.30 -28.84 6.77
CA SER E 240 1.52 -27.67 7.14
C SER E 240 1.53 -26.61 6.03
N VAL E 241 1.97 -26.99 4.82
CA VAL E 241 2.16 -26.04 3.74
C VAL E 241 1.11 -26.29 2.66
N LYS E 242 0.30 -25.27 2.32
CA LYS E 242 -0.88 -25.41 1.47
C LYS E 242 -0.66 -24.85 0.05
N PRO E 243 -0.69 -25.74 -0.97
CA PRO E 243 -0.71 -25.31 -2.37
C PRO E 243 -2.05 -24.70 -2.80
N LEU E 244 -2.05 -23.49 -3.37
CA LEU E 244 -3.27 -22.84 -3.90
C LEU E 244 -3.57 -23.33 -5.32
N LEU E 245 -4.74 -23.95 -5.47
CA LEU E 245 -5.07 -24.62 -6.71
C LEU E 245 -6.28 -23.94 -7.33
N PHE E 246 -6.19 -23.68 -8.64
CA PHE E 246 -7.27 -23.04 -9.36
C PHE E 246 -8.45 -23.99 -9.55
N HIS E 247 -8.15 -25.26 -9.86
CA HIS E 247 -9.12 -26.31 -10.11
C HIS E 247 -9.12 -27.35 -8.99
N ARG F 1 14.02 -18.19 12.50
CA ARG F 1 13.84 -17.56 11.11
C ARG F 1 15.15 -17.61 10.35
N PRO F 2 15.07 -17.69 8.98
CA PRO F 2 16.21 -17.41 8.09
C PRO F 2 16.70 -15.97 8.09
N ALA F 3 17.78 -15.74 8.84
CA ALA F 3 18.34 -14.43 9.13
C ALA F 3 18.80 -13.66 7.88
N ILE F 4 19.44 -14.33 6.88
CA ILE F 4 19.84 -13.66 5.63
C ILE F 4 18.70 -13.18 4.73
N LEU F 5 17.71 -14.03 4.46
CA LEU F 5 16.59 -13.52 3.68
C LEU F 5 15.87 -12.41 4.45
N TYR F 6 15.65 -12.67 5.73
CA TYR F 6 14.95 -11.75 6.61
C TYR F 6 15.59 -10.38 6.53
N ALA F 7 16.92 -10.35 6.36
CA ALA F 7 17.72 -9.15 6.16
C ALA F 7 17.60 -8.60 4.75
N LEU F 8 17.61 -9.45 3.74
CA LEU F 8 17.77 -8.96 2.39
C LEU F 8 16.57 -8.08 2.02
N LEU F 9 15.47 -8.23 2.76
CA LEU F 9 14.18 -7.67 2.38
C LEU F 9 13.94 -6.38 3.14
N SER F 10 14.40 -6.32 4.39
CA SER F 10 14.09 -5.17 5.24
C SER F 10 15.24 -4.17 5.20
N SER F 11 15.44 -3.53 4.03
CA SER F 11 16.64 -2.79 3.64
C SER F 11 16.42 -2.04 2.33
N SER F 12 17.52 -1.43 1.80
CA SER F 12 18.13 -1.84 0.54
C SER F 12 18.01 -0.84 -0.61
N PHE G 1 17.51 -75.31 29.56
CA PHE G 1 18.84 -75.74 30.15
C PHE G 1 20.01 -75.56 29.17
N PRO G 2 19.82 -75.59 27.82
CA PRO G 2 20.88 -75.13 26.92
C PRO G 2 20.91 -73.60 27.09
N THR G 3 22.10 -73.02 27.09
CA THR G 3 22.23 -71.58 27.26
C THR G 3 21.45 -70.84 26.17
N LEU G 4 21.06 -69.60 26.48
CA LEU G 4 20.51 -68.65 25.52
C LEU G 4 21.42 -68.52 24.31
N ILE G 5 22.73 -68.47 24.57
CA ILE G 5 23.69 -68.18 23.52
C ILE G 5 23.68 -69.32 22.49
N SER G 6 23.39 -70.54 22.95
CA SER G 6 23.47 -71.69 22.08
C SER G 6 22.19 -71.78 21.28
N LEU G 7 21.08 -71.29 21.83
CA LEU G 7 19.84 -71.17 21.05
C LEU G 7 20.02 -70.11 19.95
N LEU G 8 20.55 -68.94 20.31
CA LEU G 8 20.77 -67.92 19.29
C LEU G 8 21.57 -68.51 18.14
N GLU G 9 22.57 -69.33 18.48
CA GLU G 9 23.43 -69.99 17.51
C GLU G 9 22.61 -70.78 16.52
N VAL G 10 21.54 -71.44 16.98
CA VAL G 10 20.92 -72.45 16.13
C VAL G 10 19.73 -71.86 15.38
N ILE G 11 19.26 -70.69 15.80
CA ILE G 11 18.18 -70.05 15.07
C ILE G 11 18.75 -69.04 14.07
N GLU G 12 20.08 -68.87 14.09
CA GLU G 12 20.73 -67.97 13.15
C GLU G 12 20.40 -68.48 11.76
N PRO G 13 19.80 -67.63 10.89
CA PRO G 13 19.50 -67.98 9.50
C PRO G 13 20.73 -68.38 8.70
N GLU G 14 20.43 -69.34 7.82
CA GLU G 14 21.43 -69.77 6.87
C GLU G 14 21.41 -68.68 5.80
N VAL G 15 22.58 -68.39 5.29
CA VAL G 15 22.76 -67.63 4.07
C VAL G 15 21.71 -67.96 3.00
N LEU G 16 21.09 -66.90 2.47
CA LEU G 16 20.21 -67.05 1.33
C LEU G 16 21.07 -66.99 0.09
N TYR G 17 20.47 -67.41 -1.04
CA TYR G 17 21.20 -67.57 -2.28
C TYR G 17 20.70 -66.51 -3.23
N SER G 18 21.62 -65.79 -3.92
CA SER G 18 21.16 -64.70 -4.79
C SER G 18 20.79 -65.19 -6.20
N GLY G 19 21.63 -66.10 -6.73
CA GLY G 19 21.37 -66.61 -8.07
C GLY G 19 21.83 -65.63 -9.15
N TYR G 20 22.76 -64.73 -8.79
CA TYR G 20 23.13 -63.65 -9.68
C TYR G 20 24.00 -64.21 -10.81
N ASP G 21 23.57 -63.90 -12.03
CA ASP G 21 24.13 -64.45 -13.25
C ASP G 21 25.13 -63.47 -13.84
N SER G 22 26.43 -63.60 -13.52
CA SER G 22 27.41 -62.64 -13.97
C SER G 22 27.80 -62.92 -15.42
N THR G 23 26.97 -63.72 -16.07
CA THR G 23 27.03 -64.04 -17.47
C THR G 23 26.52 -62.86 -18.28
N LEU G 24 25.49 -62.18 -17.74
CA LEU G 24 24.95 -60.95 -18.32
C LEU G 24 25.76 -59.73 -17.86
N PRO G 25 25.72 -58.58 -18.58
CA PRO G 25 26.47 -57.38 -18.20
C PRO G 25 26.05 -56.85 -16.84
N ASP G 26 27.02 -56.37 -16.03
CA ASP G 26 26.69 -55.72 -14.76
C ASP G 26 26.15 -54.33 -15.03
N THR G 27 24.99 -53.99 -14.45
CA THR G 27 24.59 -52.58 -14.49
C THR G 27 24.13 -52.21 -13.10
N SER G 28 24.04 -50.90 -12.81
CA SER G 28 23.72 -50.52 -11.44
C SER G 28 22.25 -50.82 -11.13
N THR G 29 21.36 -50.58 -12.10
CA THR G 29 19.96 -50.95 -11.95
C THR G 29 19.77 -52.43 -11.61
N ARG G 30 20.30 -53.32 -12.44
CA ARG G 30 20.26 -54.76 -12.24
C ARG G 30 20.86 -55.19 -10.90
N LEU G 31 22.08 -54.78 -10.61
CA LEU G 31 22.71 -55.09 -9.34
C LEU G 31 21.87 -54.65 -8.11
N MET G 32 21.23 -53.48 -8.17
CA MET G 32 20.46 -52.98 -7.05
C MET G 32 19.16 -53.77 -6.89
N SER G 33 18.52 -54.05 -8.01
CA SER G 33 17.36 -54.92 -8.07
C SER G 33 17.66 -56.32 -7.53
N THR G 34 18.84 -56.86 -7.80
CA THR G 34 19.27 -58.13 -7.22
C THR G 34 19.44 -58.01 -5.71
N LEU G 35 19.96 -56.87 -5.22
CA LEU G 35 20.22 -56.77 -3.81
C LEU G 35 18.89 -56.72 -3.08
N ASN G 36 17.94 -56.01 -3.68
CA ASN G 36 16.62 -55.83 -3.12
C ASN G 36 15.85 -57.17 -3.05
N ARG G 37 15.95 -57.95 -4.12
CA ARG G 37 15.32 -59.25 -4.17
C ARG G 37 16.00 -60.17 -3.19
N LEU G 38 17.32 -60.18 -3.17
CA LEU G 38 17.92 -61.05 -2.17
C LEU G 38 17.50 -60.52 -0.79
N GLY G 39 17.28 -59.20 -0.68
CA GLY G 39 17.05 -58.53 0.60
C GLY G 39 15.70 -58.87 1.18
N GLY G 40 14.68 -58.90 0.29
CA GLY G 40 13.31 -59.14 0.74
C GLY G 40 13.17 -60.56 1.27
N ARG G 41 14.03 -61.47 0.77
CA ARG G 41 14.02 -62.87 1.14
C ARG G 41 14.71 -63.00 2.49
N GLN G 42 15.89 -62.35 2.63
CA GLN G 42 16.60 -62.29 3.91
C GLN G 42 15.65 -61.77 4.98
N VAL G 43 14.84 -60.77 4.63
CA VAL G 43 13.88 -60.28 5.58
C VAL G 43 12.83 -61.31 6.00
N VAL G 44 12.33 -62.14 5.06
CA VAL G 44 11.34 -63.19 5.42
C VAL G 44 12.06 -64.13 6.39
N SER G 45 13.32 -64.46 6.09
CA SER G 45 14.13 -65.29 6.96
C SER G 45 14.25 -64.65 8.35
N ALA G 46 14.26 -63.31 8.39
CA ALA G 46 14.47 -62.61 9.65
C ALA G 46 13.17 -62.52 10.41
N VAL G 47 12.05 -62.72 9.73
CA VAL G 47 10.82 -62.73 10.49
C VAL G 47 10.69 -64.07 11.25
N LYS G 48 11.15 -65.13 10.62
CA LYS G 48 11.09 -66.45 11.17
C LYS G 48 12.03 -66.48 12.37
N TRP G 49 13.22 -65.87 12.20
CA TRP G 49 14.22 -65.75 13.26
C TRP G 49 13.66 -64.97 14.44
N ALA G 50 12.96 -63.89 14.17
CA ALA G 50 12.48 -63.09 15.28
C ALA G 50 11.41 -63.87 16.03
N LYS G 51 10.60 -64.63 15.29
CA LYS G 51 9.47 -65.33 15.89
C LYS G 51 9.99 -66.38 16.87
N ALA G 52 11.08 -67.06 16.45
CA ALA G 52 11.74 -68.07 17.25
C ALA G 52 12.57 -67.45 18.38
N LEU G 53 12.50 -66.13 18.57
CA LEU G 53 13.46 -65.48 19.48
C LEU G 53 12.85 -65.47 20.89
N PRO G 54 13.48 -66.13 21.89
CA PRO G 54 12.91 -66.12 23.25
C PRO G 54 12.56 -64.69 23.61
N GLY G 55 11.26 -64.50 23.87
CA GLY G 55 10.74 -63.23 24.33
C GLY G 55 9.96 -62.50 23.26
N PHE G 56 10.38 -62.66 22.01
CA PHE G 56 9.87 -61.73 21.03
C PHE G 56 8.33 -61.88 20.90
N ARG G 57 7.83 -63.13 20.97
CA ARG G 57 6.41 -63.42 20.80
C ARG G 57 5.56 -62.85 21.94
N ASN G 58 6.19 -62.37 23.03
CA ASN G 58 5.46 -61.88 24.19
C ASN G 58 5.06 -60.42 24.03
N LEU G 59 5.57 -59.77 22.99
CA LEU G 59 5.19 -58.40 22.70
C LEU G 59 3.81 -58.41 22.02
N HIS G 60 3.13 -57.27 22.10
CA HIS G 60 1.94 -57.04 21.30
C HIS G 60 2.32 -57.00 19.84
N LEU G 61 1.35 -57.36 18.99
CA LEU G 61 1.59 -57.46 17.56
C LEU G 61 2.02 -56.11 17.02
N ASP G 62 1.40 -55.04 17.53
CA ASP G 62 1.73 -53.74 16.97
C ASP G 62 3.19 -53.44 17.25
N ASP G 63 3.71 -53.93 18.38
CA ASP G 63 5.13 -53.83 18.70
C ASP G 63 5.97 -54.75 17.79
N GLN G 64 5.55 -56.01 17.64
CA GLN G 64 6.42 -56.93 16.92
C GLN G 64 6.75 -56.40 15.53
N MET G 65 5.84 -55.63 15.00
CA MET G 65 5.86 -55.20 13.63
C MET G 65 6.13 -53.72 13.65
N THR G 66 6.22 -53.07 14.79
CA THR G 66 6.86 -51.78 14.59
C THR G 66 8.38 -52.02 14.50
N LEU G 67 8.83 -53.05 15.21
CA LEU G 67 10.23 -53.24 15.51
C LEU G 67 10.94 -53.83 14.30
N LEU G 68 10.23 -54.73 13.60
CA LEU G 68 10.83 -55.31 12.42
C LEU G 68 10.88 -54.30 11.29
N GLN G 69 9.82 -53.49 11.18
CA GLN G 69 9.76 -52.42 10.22
C GLN G 69 10.91 -51.44 10.41
N TYR G 70 11.13 -51.06 11.67
CA TYR G 70 12.11 -50.03 11.98
C TYR G 70 13.52 -50.57 12.05
N SER G 71 13.76 -51.91 11.99
CA SER G 71 15.14 -52.31 12.12
C SER G 71 15.67 -53.24 11.05
N TRP G 72 14.90 -53.48 9.99
CA TRP G 72 15.25 -54.57 9.08
C TRP G 72 16.59 -54.26 8.38
N MET G 73 16.73 -52.98 8.05
CA MET G 73 17.90 -52.49 7.32
C MET G 73 19.15 -52.63 8.18
N SER G 74 18.98 -52.28 9.44
CA SER G 74 20.00 -52.43 10.46
C SER G 74 20.35 -53.91 10.66
N LEU G 75 19.35 -54.79 10.76
CA LEU G 75 19.67 -56.23 10.78
C LEU G 75 20.41 -56.73 9.55
N MET G 76 19.96 -56.38 8.35
CA MET G 76 20.61 -56.93 7.19
C MET G 76 22.00 -56.35 6.99
N ALA G 77 22.19 -55.06 7.29
CA ALA G 77 23.55 -54.49 7.14
C ALA G 77 24.50 -55.07 8.17
N PHE G 78 23.97 -55.36 9.37
CA PHE G 78 24.85 -55.90 10.38
C PHE G 78 25.32 -57.30 9.98
N SER G 79 24.38 -58.16 9.51
CA SER G 79 24.70 -59.51 9.05
C SER G 79 25.63 -59.50 7.84
N LEU G 80 25.37 -58.61 6.89
CA LEU G 80 26.29 -58.46 5.77
C LEU G 80 27.70 -58.10 6.27
N GLY G 81 27.80 -57.20 7.26
CA GLY G 81 29.08 -56.84 7.87
C GLY G 81 29.80 -58.05 8.50
N TRP G 82 29.03 -58.90 9.17
CA TRP G 82 29.58 -60.14 9.66
C TRP G 82 30.08 -61.04 8.52
N ARG G 83 29.19 -61.39 7.58
CA ARG G 83 29.49 -62.29 6.48
C ARG G 83 30.76 -61.83 5.77
N SER G 84 30.94 -60.51 5.58
CA SER G 84 32.14 -60.00 4.95
C SER G 84 33.35 -60.17 5.85
N TYR G 85 33.12 -60.18 7.15
CA TYR G 85 34.22 -60.31 8.10
C TYR G 85 34.67 -61.76 8.12
N LYS G 86 33.73 -62.68 8.30
CA LYS G 86 34.08 -64.08 8.33
C LYS G 86 34.68 -64.50 6.98
N GLN G 87 33.88 -64.38 5.89
CA GLN G 87 34.30 -64.91 4.62
C GLN G 87 34.73 -63.78 3.68
N SER G 88 35.72 -63.05 4.16
CA SER G 88 36.80 -62.45 3.37
C SER G 88 37.65 -61.59 4.28
N ASN G 89 37.47 -61.71 5.59
CA ASN G 89 38.14 -60.84 6.56
C ASN G 89 37.96 -59.35 6.27
N GLY G 90 36.79 -58.96 5.73
CA GLY G 90 36.38 -57.55 5.69
C GLY G 90 36.98 -56.73 4.55
N ASN G 91 37.22 -57.36 3.40
CA ASN G 91 37.99 -56.73 2.32
C ASN G 91 37.00 -56.35 1.24
N MET G 92 35.95 -57.19 1.16
CA MET G 92 34.96 -57.18 0.11
C MET G 92 33.61 -57.46 0.76
N LEU G 93 32.54 -56.89 0.17
CA LEU G 93 31.20 -57.19 0.66
C LEU G 93 30.83 -58.58 0.20
N CYS G 94 30.56 -59.49 1.14
CA CYS G 94 30.02 -60.80 0.77
C CYS G 94 28.53 -60.86 1.00
N PHE G 95 27.80 -60.57 -0.06
CA PHE G 95 26.37 -60.40 0.05
C PHE G 95 25.74 -61.78 0.08
N ALA G 96 26.33 -62.71 -0.70
CA ALA G 96 25.97 -64.10 -0.66
C ALA G 96 27.21 -64.86 -1.15
N PRO G 97 27.23 -66.21 -1.12
CA PRO G 97 28.40 -66.97 -1.58
C PRO G 97 28.58 -66.85 -3.11
N ASP G 98 27.46 -66.70 -3.83
CA ASP G 98 27.38 -66.54 -5.28
C ASP G 98 27.34 -65.06 -5.67
N LEU G 99 27.64 -64.12 -4.75
CA LEU G 99 27.55 -62.69 -5.05
C LEU G 99 28.50 -61.92 -4.15
N VAL G 100 29.64 -61.48 -4.70
CA VAL G 100 30.57 -60.67 -3.92
C VAL G 100 30.75 -59.33 -4.63
N ILE G 101 31.33 -58.33 -3.97
CA ILE G 101 31.46 -57.08 -4.67
C ILE G 101 32.93 -56.77 -4.92
N ASN G 102 33.31 -57.04 -6.17
CA ASN G 102 34.59 -56.73 -6.76
C ASN G 102 34.53 -55.33 -7.38
N GLU G 103 35.71 -54.71 -7.37
CA GLU G 103 35.91 -53.37 -7.92
C GLU G 103 36.12 -53.52 -9.41
N GLU G 104 35.23 -54.32 -9.99
CA GLU G 104 34.52 -53.91 -11.16
C GLU G 104 33.21 -53.33 -10.65
N ARG G 105 32.55 -54.04 -9.72
CA ARG G 105 31.18 -53.69 -9.40
C ARG G 105 31.12 -52.69 -8.26
N MET G 106 32.28 -52.28 -7.68
CA MET G 106 32.19 -51.08 -6.85
C MET G 106 32.22 -49.81 -7.72
N GLN G 107 32.77 -49.99 -8.91
CA GLN G 107 33.05 -48.90 -9.80
C GLN G 107 31.75 -48.45 -10.46
N LEU G 108 30.69 -49.26 -10.39
CA LEU G 108 29.47 -48.87 -11.10
C LEU G 108 28.90 -47.61 -10.47
N PRO G 109 28.16 -46.77 -11.23
CA PRO G 109 27.54 -45.55 -10.71
C PRO G 109 26.61 -45.82 -9.52
N TYR G 110 26.71 -44.97 -8.50
CA TYR G 110 25.90 -45.04 -7.28
C TYR G 110 26.51 -46.01 -6.29
N MET G 111 27.52 -46.77 -6.70
CA MET G 111 27.75 -47.97 -5.90
C MET G 111 28.85 -47.70 -4.89
N TYR G 112 29.85 -46.93 -5.30
CA TYR G 112 31.01 -46.77 -4.48
C TYR G 112 30.59 -46.31 -3.08
N ASP G 113 29.80 -45.24 -3.01
CA ASP G 113 29.51 -44.62 -1.72
C ASP G 113 28.84 -45.64 -0.80
N GLN G 114 27.78 -46.25 -1.31
CA GLN G 114 26.96 -47.12 -0.49
C GLN G 114 27.82 -48.33 -0.12
N CYS G 115 28.81 -48.70 -0.94
CA CYS G 115 29.62 -49.88 -0.61
C CYS G 115 30.64 -49.54 0.46
N GLN G 116 31.03 -48.27 0.49
CA GLN G 116 32.02 -47.83 1.47
C GLN G 116 31.36 -47.86 2.87
N GLN G 117 30.14 -47.30 2.97
CA GLN G 117 29.38 -47.30 4.22
C GLN G 117 29.23 -48.72 4.74
N MET G 118 28.86 -49.65 3.86
CA MET G 118 28.69 -51.04 4.28
C MET G 118 30.02 -51.64 4.72
N LEU G 119 31.13 -51.33 4.06
CA LEU G 119 32.38 -51.94 4.45
C LEU G 119 32.84 -51.44 5.83
N LYS G 120 32.45 -50.19 6.15
CA LYS G 120 32.73 -49.55 7.43
C LYS G 120 32.28 -50.45 8.57
N ILE G 121 31.05 -50.96 8.48
CA ILE G 121 30.47 -51.88 9.44
C ILE G 121 31.38 -53.09 9.54
N SER G 122 31.85 -53.52 8.38
CA SER G 122 32.67 -54.72 8.30
C SER G 122 33.98 -54.51 9.07
N SER G 123 34.52 -53.31 9.00
CA SER G 123 35.85 -53.05 9.52
C SER G 123 35.81 -52.85 11.04
N GLU G 124 34.63 -52.46 11.56
CA GLU G 124 34.38 -52.43 12.99
C GLU G 124 34.49 -53.82 13.59
N PHE G 125 33.98 -54.82 12.86
CA PHE G 125 34.13 -56.20 13.30
C PHE G 125 35.61 -56.57 13.35
N VAL G 126 36.40 -55.96 12.45
CA VAL G 126 37.81 -56.25 12.30
C VAL G 126 38.57 -55.57 13.43
N ARG G 127 38.22 -54.30 13.69
CA ARG G 127 38.82 -53.54 14.76
C ARG G 127 38.66 -54.27 16.09
N LEU G 128 37.41 -54.69 16.41
CA LEU G 128 37.15 -55.13 17.76
C LEU G 128 37.37 -56.64 17.89
N GLN G 129 37.54 -57.33 16.73
CA GLN G 129 37.79 -58.76 16.71
C GLN G 129 36.58 -59.44 17.34
N VAL G 130 35.40 -58.96 16.94
CA VAL G 130 34.12 -59.38 17.47
C VAL G 130 34.04 -60.88 17.39
N SER G 131 33.40 -61.47 18.41
CA SER G 131 33.14 -62.89 18.44
C SER G 131 31.80 -63.13 17.75
N TYR G 132 31.55 -64.40 17.42
CA TYR G 132 30.28 -64.80 16.86
C TYR G 132 29.16 -64.54 17.85
N ASP G 133 29.52 -64.73 19.12
CA ASP G 133 28.54 -64.72 20.18
C ASP G 133 28.17 -63.27 20.48
N GLU G 134 29.19 -62.43 20.37
CA GLU G 134 29.02 -61.01 20.61
C GLU G 134 28.08 -60.47 19.54
N TYR G 135 28.30 -60.93 18.30
CA TYR G 135 27.56 -60.53 17.12
C TYR G 135 26.09 -60.93 17.28
N LEU G 136 25.87 -62.15 17.74
CA LEU G 136 24.51 -62.66 17.90
C LEU G 136 23.69 -61.83 18.87
N CYS G 137 24.32 -61.38 19.96
CA CYS G 137 23.52 -60.76 21.01
C CYS G 137 23.31 -59.33 20.57
N MET G 138 24.35 -58.80 19.94
CA MET G 138 24.28 -57.46 19.40
C MET G 138 23.17 -57.41 18.36
N LYS G 139 22.98 -58.49 17.59
CA LYS G 139 22.04 -58.37 16.45
C LYS G 139 20.64 -58.34 17.02
N VAL G 140 20.40 -59.17 18.04
CA VAL G 140 19.12 -59.10 18.76
C VAL G 140 18.92 -57.69 19.31
N LEU G 141 19.96 -57.06 19.84
CA LEU G 141 19.70 -55.79 20.47
C LEU G 141 19.39 -54.79 19.38
N LEU G 142 19.92 -55.01 18.16
CA LEU G 142 19.61 -54.14 17.03
C LEU G 142 18.11 -54.16 16.75
N LEU G 143 17.51 -55.35 16.81
CA LEU G 143 16.09 -55.52 16.56
C LEU G 143 15.30 -54.64 17.53
N LEU G 144 15.85 -54.41 18.71
CA LEU G 144 15.10 -53.76 19.79
C LEU G 144 15.57 -52.32 19.97
N SER G 145 16.19 -51.72 18.95
CA SER G 145 16.94 -50.46 19.13
C SER G 145 16.30 -49.24 18.48
N THR G 146 15.21 -49.43 17.73
CA THR G 146 14.51 -48.30 17.12
C THR G 146 13.03 -48.42 17.45
N VAL G 147 12.50 -47.37 18.09
CA VAL G 147 11.09 -47.41 18.51
C VAL G 147 10.44 -46.08 18.18
N PRO G 148 9.09 -46.00 18.21
CA PRO G 148 8.38 -44.73 18.06
C PRO G 148 8.50 -43.80 19.26
N LYS G 149 8.56 -42.50 18.97
CA LYS G 149 8.77 -41.49 19.99
C LYS G 149 7.62 -41.53 21.00
N ASP G 150 6.42 -41.94 20.57
CA ASP G 150 5.25 -42.13 21.41
C ASP G 150 5.39 -43.40 22.25
N GLY G 151 6.53 -44.08 22.12
CA GLY G 151 6.76 -45.34 22.81
C GLY G 151 5.86 -46.47 22.31
N LEU G 152 6.06 -47.64 22.88
CA LEU G 152 5.40 -48.84 22.39
C LEU G 152 4.14 -49.02 23.21
N LYS G 153 3.33 -49.96 22.74
CA LYS G 153 2.17 -50.40 23.51
C LYS G 153 2.65 -51.22 24.69
N SER G 154 3.38 -52.33 24.46
CA SER G 154 3.71 -53.21 25.59
C SER G 154 5.13 -52.96 26.10
N GLN G 155 5.37 -51.72 26.55
CA GLN G 155 6.66 -51.26 27.04
C GLN G 155 7.22 -52.17 28.11
N ALA G 156 6.35 -52.84 28.88
CA ALA G 156 6.78 -53.59 30.05
C ALA G 156 7.58 -54.81 29.63
N VAL G 157 6.98 -55.63 28.75
CA VAL G 157 7.58 -56.85 28.25
C VAL G 157 8.87 -56.51 27.49
N PHE G 158 8.89 -55.29 26.91
CA PHE G 158 9.94 -54.78 26.05
C PHE G 158 11.20 -54.52 26.86
N ASP G 159 11.00 -53.82 27.98
CA ASP G 159 12.10 -53.44 28.88
C ASP G 159 12.83 -54.67 29.42
N GLU G 160 12.12 -55.78 29.58
CA GLU G 160 12.68 -56.98 30.18
C GLU G 160 13.46 -57.86 29.19
N ILE G 161 13.03 -57.99 27.92
CA ILE G 161 13.72 -58.53 26.75
C ILE G 161 14.90 -57.65 26.39
N ARG G 162 14.88 -56.35 26.58
CA ARG G 162 16.17 -55.72 26.34
C ARG G 162 17.15 -56.10 27.46
N MET G 163 16.60 -56.34 28.67
CA MET G 163 17.41 -56.56 29.87
C MET G 163 18.17 -57.87 29.74
N THR G 164 17.40 -58.91 29.38
CA THR G 164 17.90 -60.24 29.06
C THR G 164 19.04 -60.21 28.07
N TYR G 165 18.90 -59.49 26.94
CA TYR G 165 19.91 -59.63 25.90
C TYR G 165 21.12 -58.78 26.19
N ILE G 166 20.90 -57.73 26.98
CA ILE G 166 22.03 -56.96 27.47
C ILE G 166 22.90 -57.84 28.38
N LYS G 167 22.27 -58.70 29.19
CA LYS G 167 23.02 -59.55 30.11
C LYS G 167 23.82 -60.53 29.27
N GLU G 168 23.17 -60.93 28.16
CA GLU G 168 23.59 -62.05 27.34
C GLU G 168 24.84 -61.66 26.59
N LEU G 169 24.87 -60.40 26.22
CA LEU G 169 26.02 -59.85 25.53
C LEU G 169 27.19 -59.79 26.54
N GLY G 170 26.84 -59.39 27.76
CA GLY G 170 27.75 -59.43 28.89
C GLY G 170 28.45 -60.79 29.04
N LYS G 171 27.66 -61.84 29.17
CA LYS G 171 28.09 -63.23 29.11
C LYS G 171 28.99 -63.51 27.91
N ALA G 172 28.66 -62.93 26.75
CA ALA G 172 29.29 -63.33 25.51
C ALA G 172 30.70 -62.79 25.53
N ILE G 173 30.83 -61.61 26.11
CA ILE G 173 32.15 -61.07 26.40
C ILE G 173 33.04 -62.05 27.18
N VAL G 174 32.51 -62.74 28.21
CA VAL G 174 33.36 -63.58 29.06
C VAL G 174 33.74 -64.87 28.34
N LYS G 175 32.74 -65.54 27.74
CA LYS G 175 32.92 -66.78 27.01
C LYS G 175 33.91 -66.54 25.86
N ARG G 176 34.74 -65.51 26.03
CA ARG G 176 35.69 -65.11 25.00
C ARG G 176 36.96 -64.63 25.70
N ASN G 183 38.35 -56.38 29.20
CA ASN G 183 37.35 -57.39 29.75
C ASN G 183 36.04 -56.71 30.17
N TRP G 184 36.13 -55.50 30.73
CA TRP G 184 34.94 -54.76 31.07
C TRP G 184 34.75 -53.66 30.02
N GLN G 185 35.88 -53.13 29.50
CA GLN G 185 35.91 -52.07 28.50
C GLN G 185 35.24 -52.57 27.22
N ARG G 186 35.12 -53.91 27.13
CA ARG G 186 34.50 -54.60 26.04
C ARG G 186 33.07 -54.12 25.85
N PHE G 187 32.31 -54.07 26.96
CA PHE G 187 30.89 -53.72 26.92
C PHE G 187 30.78 -52.30 26.42
N TYR G 188 31.70 -51.45 26.86
CA TYR G 188 31.62 -50.08 26.41
C TYR G 188 31.77 -50.06 24.89
N GLN G 189 32.65 -50.94 24.38
CA GLN G 189 33.07 -50.78 23.00
C GLN G 189 31.94 -51.23 22.10
N LEU G 190 31.34 -52.37 22.48
CA LEU G 190 30.25 -52.99 21.73
C LEU G 190 29.00 -52.11 21.78
N THR G 191 28.75 -51.41 22.90
CA THR G 191 27.51 -50.66 22.95
C THR G 191 27.69 -49.39 22.16
N LYS G 192 28.95 -49.00 21.92
CA LYS G 192 29.16 -47.82 21.08
C LYS G 192 29.05 -48.24 19.63
N LEU G 193 29.38 -49.51 19.36
CA LEU G 193 29.18 -50.09 18.05
C LEU G 193 27.68 -50.11 17.75
N LEU G 194 26.86 -50.46 18.76
CA LEU G 194 25.42 -50.44 18.59
C LEU G 194 24.93 -49.04 18.29
N ASP G 195 25.56 -48.08 18.95
CA ASP G 195 25.11 -46.70 18.84
C ASP G 195 25.50 -46.21 17.46
N SER G 196 26.64 -46.64 16.95
CA SER G 196 27.07 -46.09 15.68
C SER G 196 26.30 -46.73 14.52
N MET G 197 25.62 -47.85 14.76
CA MET G 197 24.77 -48.48 13.74
C MET G 197 23.68 -47.54 13.24
N HIS G 198 23.13 -46.68 14.11
CA HIS G 198 22.10 -45.78 13.62
C HIS G 198 22.65 -44.82 12.55
N GLU G 199 23.90 -44.42 12.66
CA GLU G 199 24.43 -43.39 11.78
C GLU G 199 24.79 -44.06 10.47
N MET G 200 25.45 -45.22 10.57
CA MET G 200 25.87 -46.06 9.47
C MET G 200 24.69 -46.47 8.59
N VAL G 201 23.49 -46.63 9.14
CA VAL G 201 22.28 -47.10 8.48
C VAL G 201 21.40 -45.97 7.96
N GLY G 202 21.52 -44.79 8.62
CA GLY G 202 20.70 -43.67 8.20
C GLY G 202 20.92 -43.35 6.71
N GLY G 203 22.20 -43.46 6.33
CA GLY G 203 22.64 -43.14 4.98
C GLY G 203 22.10 -44.16 3.96
N LEU G 204 22.16 -45.44 4.32
CA LEU G 204 21.64 -46.47 3.42
C LEU G 204 20.13 -46.39 3.37
N LEU G 205 19.49 -46.08 4.49
CA LEU G 205 18.07 -45.86 4.41
C LEU G 205 17.75 -44.76 3.40
N GLN G 206 18.59 -43.73 3.42
CA GLN G 206 18.24 -42.56 2.61
C GLN G 206 18.34 -42.95 1.13
N PHE G 207 19.38 -43.67 0.81
CA PHE G 207 19.57 -44.12 -0.55
C PHE G 207 18.51 -45.17 -0.94
N CYS G 208 18.11 -46.01 0.03
CA CYS G 208 17.04 -46.95 -0.23
C CYS G 208 15.76 -46.21 -0.67
N PHE G 209 15.45 -45.17 0.08
CA PHE G 209 14.22 -44.44 -0.16
C PHE G 209 14.29 -43.69 -1.49
N TYR G 210 15.50 -43.23 -1.85
CA TYR G 210 15.72 -42.53 -3.10
C TYR G 210 15.41 -43.48 -4.25
N THR G 211 16.08 -44.64 -4.25
CA THR G 211 15.86 -45.62 -5.30
C THR G 211 14.42 -46.07 -5.34
N PHE G 212 13.77 -46.07 -4.18
CA PHE G 212 12.44 -46.60 -4.10
C PHE G 212 11.44 -45.64 -4.74
N VAL G 213 11.71 -44.32 -4.65
CA VAL G 213 10.66 -43.39 -5.02
C VAL G 213 10.85 -42.89 -6.45
N ASN G 214 12.11 -42.86 -6.90
CA ASN G 214 12.58 -42.56 -8.24
C ASN G 214 11.97 -43.51 -9.27
N LYS G 215 11.05 -42.99 -10.09
CA LYS G 215 10.54 -43.77 -11.20
C LYS G 215 11.55 -43.84 -12.36
N SER G 216 12.43 -42.85 -12.56
CA SER G 216 13.33 -42.88 -13.71
C SER G 216 14.14 -44.18 -13.76
N LEU G 217 14.55 -44.60 -12.58
CA LEU G 217 15.63 -45.54 -12.43
C LEU G 217 15.13 -46.97 -12.52
N SER G 218 13.84 -47.21 -12.24
CA SER G 218 13.23 -48.51 -12.51
C SER G 218 13.89 -49.65 -11.73
N VAL G 219 14.50 -49.34 -10.57
CA VAL G 219 15.04 -50.31 -9.63
C VAL G 219 13.83 -51.04 -9.04
N GLU G 220 13.93 -52.37 -9.01
CA GLU G 220 12.81 -53.15 -8.52
C GLU G 220 13.06 -53.52 -7.05
N PHE G 221 11.96 -53.46 -6.27
CA PHE G 221 11.92 -53.96 -4.90
C PHE G 221 10.83 -55.03 -4.86
N PRO G 222 10.97 -56.16 -4.13
CA PRO G 222 9.87 -57.11 -3.91
C PRO G 222 8.79 -56.53 -3.00
N GLU G 223 7.61 -57.16 -3.01
CA GLU G 223 6.39 -56.51 -2.58
C GLU G 223 6.42 -56.32 -1.07
N MET G 224 6.97 -57.31 -0.39
CA MET G 224 7.31 -57.33 1.02
C MET G 224 8.04 -56.05 1.42
N LEU G 225 9.28 -55.82 0.94
CA LEU G 225 9.97 -54.56 1.17
C LEU G 225 9.16 -53.35 0.75
N ALA G 226 8.68 -53.34 -0.51
CA ALA G 226 8.00 -52.16 -1.00
C ALA G 226 6.91 -51.68 -0.05
N GLU G 227 6.16 -52.61 0.57
CA GLU G 227 5.10 -52.18 1.47
C GLU G 227 5.68 -51.72 2.80
N ILE G 228 6.80 -52.34 3.23
CA ILE G 228 7.49 -51.96 4.46
C ILE G 228 8.07 -50.57 4.27
N ILE G 229 8.74 -50.36 3.15
CA ILE G 229 9.42 -49.09 2.91
C ILE G 229 8.37 -48.00 2.72
N SER G 230 7.25 -48.37 2.13
CA SER G 230 6.23 -47.38 1.81
C SER G 230 5.59 -46.87 3.11
N ASN G 231 5.36 -47.80 4.05
CA ASN G 231 4.80 -47.46 5.36
C ASN G 231 5.86 -46.78 6.26
N GLN G 232 7.16 -46.95 5.96
CA GLN G 232 8.22 -46.44 6.85
C GLN G 232 8.56 -44.99 6.49
N LEU G 233 8.55 -44.69 5.17
CA LEU G 233 8.90 -43.41 4.56
C LEU G 233 8.13 -42.24 5.18
N PRO G 234 6.80 -42.32 5.44
CA PRO G 234 6.08 -41.23 6.11
C PRO G 234 6.51 -40.96 7.56
N LYS G 235 6.95 -42.00 8.27
CA LYS G 235 7.27 -41.88 9.68
C LYS G 235 8.63 -41.24 9.87
N PHE G 236 9.50 -41.40 8.87
CA PHE G 236 10.84 -40.81 8.85
C PHE G 236 10.78 -39.38 8.35
N LYS G 237 9.81 -39.11 7.47
CA LYS G 237 9.49 -37.77 7.03
C LYS G 237 9.14 -36.95 8.26
N ALA G 238 8.29 -37.51 9.14
CA ALA G 238 7.82 -36.79 10.30
C ALA G 238 8.88 -36.71 11.39
N GLY G 239 9.90 -37.60 11.32
CA GLY G 239 10.93 -37.69 12.32
C GLY G 239 10.39 -38.21 13.66
N SER G 240 9.41 -39.10 13.58
CA SER G 240 8.73 -39.64 14.76
C SER G 240 9.34 -40.99 15.17
N VAL G 241 10.55 -41.25 14.70
CA VAL G 241 11.26 -42.50 14.97
C VAL G 241 12.38 -42.23 15.98
N LYS G 242 12.39 -42.95 17.13
CA LYS G 242 13.34 -42.68 18.21
C LYS G 242 14.44 -43.74 18.29
N PRO G 243 15.70 -43.35 18.02
CA PRO G 243 16.85 -44.24 18.19
C PRO G 243 17.18 -44.45 19.66
N LEU G 244 17.32 -45.70 20.11
CA LEU G 244 17.78 -46.00 21.47
C LEU G 244 19.29 -46.02 21.55
N LEU G 245 19.86 -45.10 22.33
CA LEU G 245 21.30 -44.92 22.40
C LEU G 245 21.78 -45.23 23.80
N PHE G 246 22.91 -45.94 23.89
CA PHE G 246 23.52 -46.21 25.18
C PHE G 246 24.20 -44.97 25.73
N HIS G 247 24.92 -44.25 24.87
CA HIS G 247 25.72 -43.08 25.24
C HIS G 247 25.19 -41.85 24.51
N ARG H 1 0.05 -49.76 8.45
CA ARG H 1 0.68 -51.10 8.70
C ARG H 1 0.72 -51.93 7.42
N PRO H 2 1.86 -52.61 7.16
CA PRO H 2 2.05 -53.50 5.99
C PRO H 2 1.46 -54.89 6.10
N ALA H 3 0.56 -55.16 5.14
CA ALA H 3 -0.33 -56.31 5.15
C ALA H 3 0.41 -57.67 5.12
N ILE H 4 1.41 -57.82 4.26
CA ILE H 4 2.15 -59.08 4.18
C ILE H 4 2.89 -59.30 5.50
N LEU H 5 3.54 -58.24 6.05
CA LEU H 5 4.35 -58.47 7.26
C LEU H 5 3.43 -58.88 8.37
N TYR H 6 2.23 -58.28 8.37
CA TYR H 6 1.21 -58.50 9.38
C TYR H 6 0.72 -59.94 9.34
N ALA H 7 0.49 -60.41 8.12
CA ALA H 7 0.00 -61.75 7.91
C ALA H 7 1.09 -62.74 8.27
N LEU H 8 2.35 -62.38 8.07
CA LEU H 8 3.39 -63.37 8.33
C LEU H 8 3.58 -63.58 9.84
N LEU H 9 3.32 -62.53 10.64
CA LEU H 9 3.65 -62.60 12.05
C LEU H 9 2.51 -63.21 12.83
N SER H 10 1.28 -63.13 12.31
CA SER H 10 0.15 -63.56 13.12
C SER H 10 -0.19 -65.03 12.92
N SER H 11 0.42 -65.71 11.93
CA SER H 11 0.26 -67.15 11.76
C SER H 11 1.52 -67.97 12.13
C1 DEX I . -21.14 54.92 3.41
C2 DEX I . -21.95 55.96 3.52
C3 DEX I . -23.34 55.83 3.16
C4 DEX I . -23.92 54.50 3.25
C5 DEX I . -23.13 53.42 3.42
C6 DEX I . -23.72 52.04 3.49
C7 DEX I . -23.11 51.21 2.34
C8 DEX I . -21.58 51.18 2.46
C9 DEX I . -21.00 52.62 2.47
C10 DEX I . -21.62 53.52 3.59
C11 DEX I . -19.48 52.74 2.15
C12 DEX I . -19.13 51.89 0.95
C13 DEX I . -19.58 50.44 1.14
C14 DEX I . -21.09 50.42 1.24
C15 DEX I . -21.45 48.91 1.20
C16 DEX I . -20.40 48.27 0.26
C17 DEX I . -19.38 49.42 -0.02
C18 DEX I . -18.94 49.78 2.39
C19 DEX I . -21.28 53.20 5.08
C20 DEX I . -17.94 48.98 0.04
C21 DEX I . -16.88 49.79 -0.70
C22 DEX I . -21.09 47.60 -0.94
F1 DEX I . -21.56 53.22 1.30
O1 DEX I . -23.99 56.81 2.78
O2 DEX I . -18.76 52.25 3.25
O3 DEX I . -19.70 50.11 -1.23
O4 DEX I . -17.58 48.09 0.79
O5 DEX I . -15.70 49.71 0.07
C1 DEX J . -8.40 28.21 -15.66
C2 DEX J . -7.48 28.26 -16.62
C3 DEX J . -6.12 27.97 -16.27
C4 DEX J . -5.75 28.43 -14.95
C5 DEX J . -6.65 28.68 -13.98
C6 DEX J . -6.23 29.18 -12.62
C7 DEX J . -6.77 30.60 -12.42
C8 DEX J . -8.30 30.60 -12.50
C9 DEX J . -8.73 29.99 -13.85
C10 DEX J . -8.12 28.57 -14.21
C11 DEX J . -10.22 30.28 -14.23
C12 DEX J . -10.59 31.77 -14.01
C13 DEX J . -10.28 32.25 -12.59
C14 DEX J . -8.76 32.05 -12.43
C15 DEX J . -8.34 32.90 -11.22
C16 DEX J . -9.41 34.01 -11.06
C17 DEX J . -10.39 33.79 -12.26
C18 DEX J . -11.07 31.46 -11.54
C19 DEX J . -8.57 27.38 -13.33
C20 DEX J . -11.80 34.28 -11.98
C21 DEX J . -12.63 34.75 -13.16
C22 DEX J . -8.78 35.40 -10.88
F1 DEX J . -7.98 30.81 -14.74
O1 DEX J . -5.34 27.33 -17.00
O2 DEX J . -11.06 29.48 -13.39
O3 DEX J . -9.97 34.53 -13.38
O4 DEX J . -12.23 34.30 -10.84
O5 DEX J . -13.95 34.12 -13.16
C1 DEX K . 19.47 -23.32 -9.75
C2 DEX K . 19.59 -22.50 -10.79
C3 DEX K . 18.51 -22.38 -11.77
C4 DEX K . 17.24 -22.94 -11.39
C5 DEX K . 17.11 -23.83 -10.39
C6 DEX K . 15.88 -24.67 -10.30
C7 DEX K . 16.14 -26.11 -9.84
C8 DEX K . 17.04 -26.14 -8.59
C9 DEX K . 18.35 -25.40 -8.94
C10 DEX K . 18.16 -23.90 -9.29
C11 DEX K . 19.55 -25.63 -8.01
C12 DEX K . 19.72 -27.06 -7.42
C13 DEX K . 18.39 -27.82 -7.19
C14 DEX K . 17.43 -27.59 -8.37
C15 DEX K . 16.27 -28.56 -8.09
C16 DEX K . 16.93 -29.77 -7.41
C17 DEX K . 18.45 -29.36 -7.29
C18 DEX K . 17.69 -27.40 -5.91
C19 DEX K . 17.71 -22.99 -8.12
C20 DEX K . 19.19 -29.93 -6.11
C21 DEX K . 20.67 -30.25 -6.29
C22 DEX K . 16.47 -31.05 -8.12
F1 DEX K . 18.68 -26.02 -10.18
O1 DEX K . 18.72 -21.98 -12.92
O2 DEX K . 19.16 -24.80 -6.92
O3 DEX K . 19.20 -29.72 -8.45
O4 DEX K . 18.60 -30.20 -5.09
O5 DEX K . 21.25 -30.35 -4.98
NA NA L . 32.98 -33.82 -7.39
C1 DEX M . 20.50 -56.77 1.01
C2 DEX M . 21.21 -57.85 1.28
C3 DEX M . 22.20 -57.85 2.35
C4 DEX M . 22.32 -56.62 3.13
C5 DEX M . 21.61 -55.52 2.87
C6 DEX M . 21.91 -54.20 3.56
C7 DEX M . 21.91 -52.97 2.64
C8 DEX M . 20.70 -52.93 1.69
C9 DEX M . 20.57 -54.28 0.96
C10 DEX M . 20.46 -55.54 1.87
C11 DEX M . 19.67 -54.25 -0.32
C12 DEX M . 19.86 -52.99 -1.21
C13 DEX M . 19.85 -51.68 -0.41
C14 DEX M . 20.93 -51.83 0.69
C15 DEX M . 21.23 -50.42 1.23
C16 DEX M . 20.85 -49.44 0.10
C17 DEX M . 20.44 -50.38 -1.09
C18 DEX M . 18.44 -51.29 0.03
C19 DEX M . 19.14 -55.66 2.64
C20 DEX M . 19.44 -49.78 -2.08
C21 DEX M . 19.63 -50.07 -3.55
C22 DEX M . 21.90 -48.32 -0.06
F1 DEX M . 21.84 -54.47 0.40
O1 DEX M . 22.89 -58.86 2.56
O2 DEX M . 18.36 -54.37 0.22
O3 DEX M . 21.45 -50.90 -1.92
O4 DEX M . 18.40 -49.28 -1.70
O5 DEX M . 18.29 -50.09 -4.13
#